data_2HMO
#
_entry.id   2HMO
#
_cell.length_a   140.211
_cell.length_b   140.211
_cell.length_c   208.271
_cell.angle_alpha   90.00
_cell.angle_beta   90.00
_cell.angle_gamma   120.00
#
_symmetry.space_group_name_H-M   'H 3 2'
#
loop_
_entity.id
_entity.type
_entity.pdbx_description
1 polymer 'Naphthalene 1,2-dioxygenase alpha subunit'
2 polymer 'Naphthalene 1,2-dioxygenase beta subunit'
3 non-polymer 'FE (III) ION'
4 non-polymer 'SULFATE ION'
5 non-polymer 'FE2/S2 (INORGANIC) CLUSTER'
6 non-polymer 3-NITROTOLUENE
7 non-polymer 1,2-ETHANEDIOL
8 water water
#
loop_
_entity_poly.entity_id
_entity_poly.type
_entity_poly.pdbx_seq_one_letter_code
_entity_poly.pdbx_strand_id
1 'polypeptide(L)'
;MNYNNKILVSESGLSQKHLIHGDEELFQHELKTIFARNWLFLTHDSLIPAPGDYVTAKMGIDEVIVSRQNDGSIRAFLNV
CRHRGKTLVSVEAGNAKGFVCSYHGWGFGSNGELQSVPFEKDLYGESLNKKCLGLKEVARVESFHGFIYGCFDQEAPPLM
DYLGDAAWYLEPMFKHSGGLELVGPPGKVVIKANWKAPAENFVGDAYHVGWTHASSLRSGESIFSSLAGNAALPPEGAGL
QMTSKYGSGMGVLWDGYSGVHSADLVPELMAFGGAKQERLNKEIGDVRARIYRSHLNCTVFPNNSMLTCSGVFKVWNPID
ANTTEVWTYAIVEKDMPEDLKRRLADSVQRTFGPAGFWESDDNDNMETASQNGKKYQSRDSDLLSNLGFGEDVYGDAVYP
GVVGKSAIGETSYRGFYRAYQAHVSSSNWAEFEHASSTWHTELTKTTDR
;
A
2 'polypeptide(L)'
;MMINIQEDKLVSAHDAEEILRFFNCHDSALQQEATTLLTQEAHLLDIQAYRAWLEHCVGSEVQYQVISRELRAASERRYK
LNEAMNVYNENFQQLKVRVEHQLDPQNWGNSPKLRFTRFITNVQAAMDVNDKELLHIRSNVILHRARRGNQVDVFYAARE
DKWKRGEGGVRKLVQRFVDYPERILQTHNLMVFL
;
B
#
# COMPACT_ATOMS: atom_id res chain seq x y z
N MET A 1 -21.33 19.80 15.40
CA MET A 1 -20.04 20.41 15.86
C MET A 1 -19.72 21.62 14.98
N ASN A 2 -19.29 22.71 15.59
CA ASN A 2 -18.94 23.95 14.86
C ASN A 2 -17.44 23.94 14.56
N TYR A 3 -17.09 23.61 13.32
CA TYR A 3 -15.69 23.40 12.95
C TYR A 3 -14.91 24.71 12.87
N ASN A 4 -15.60 25.86 12.86
CA ASN A 4 -14.92 27.14 12.93
C ASN A 4 -14.28 27.37 14.28
N ASN A 5 -14.97 26.91 15.32
CA ASN A 5 -14.61 27.18 16.72
C ASN A 5 -14.03 26.01 17.48
N LYS A 6 -14.46 24.79 17.16
CA LYS A 6 -14.04 23.64 17.93
C LYS A 6 -12.53 23.44 17.85
N ILE A 7 -11.87 23.39 19.00
CA ILE A 7 -10.44 23.12 19.05
C ILE A 7 -10.25 21.61 19.02
N LEU A 8 -10.01 21.09 17.83
CA LEU A 8 -9.73 19.65 17.66
C LEU A 8 -8.25 19.34 17.83
N VAL A 9 -7.40 20.31 17.51
CA VAL A 9 -5.96 20.19 17.66
C VAL A 9 -5.50 21.41 18.45
N SER A 10 -4.78 21.20 19.56
CA SER A 10 -4.41 22.29 20.44
C SER A 10 -3.27 23.09 19.81
N GLU A 11 -3.01 24.25 20.41
CA GLU A 11 -1.96 25.13 19.92
CA GLU A 11 -1.96 25.13 19.93
C GLU A 11 -0.65 24.36 19.78
N SER A 12 0.08 24.65 18.69
CA SER A 12 1.38 24.05 18.38
C SER A 12 1.28 22.56 18.00
N GLY A 13 0.05 22.08 17.83
CA GLY A 13 -0.18 20.68 17.46
C GLY A 13 0.12 19.70 18.57
N LEU A 14 0.06 20.17 19.81
CA LEU A 14 0.58 19.40 20.94
C LEU A 14 -0.33 18.23 21.33
N SER A 15 -1.60 18.32 20.96
CA SER A 15 -2.55 17.27 21.23
C SER A 15 -3.72 17.36 20.28
N GLN A 16 -4.43 16.24 20.14
CA GLN A 16 -5.64 16.17 19.31
C GLN A 16 -6.73 15.46 20.09
N LYS A 17 -7.98 15.87 19.88
CA LYS A 17 -9.11 15.17 20.51
C LYS A 17 -9.24 13.78 19.87
N HIS A 18 -9.40 12.76 20.69
CA HIS A 18 -9.39 11.36 20.23
C HIS A 18 -10.55 11.14 19.25
N LEU A 19 -11.64 11.92 19.40
CA LEU A 19 -12.78 11.81 18.52
C LEU A 19 -12.43 12.00 17.05
N ILE A 20 -11.31 12.65 16.76
CA ILE A 20 -10.97 12.87 15.35
C ILE A 20 -10.80 11.54 14.57
N HIS A 21 -10.44 10.45 15.26
CA HIS A 21 -10.32 9.14 14.62
C HIS A 21 -11.63 8.33 14.56
N GLY A 22 -12.71 8.86 15.15
CA GLY A 22 -13.98 8.12 15.22
C GLY A 22 -15.23 8.80 14.72
N ASP A 23 -15.21 10.14 14.63
CA ASP A 23 -16.44 10.88 14.47
C ASP A 23 -16.85 10.91 13.01
N GLU A 24 -18.01 10.34 12.67
CA GLU A 24 -18.45 10.25 11.29
C GLU A 24 -18.85 11.62 10.72
N GLU A 25 -19.39 12.52 11.53
CA GLU A 25 -19.70 13.86 11.03
C GLU A 25 -18.42 14.57 10.62
N LEU A 26 -17.36 14.41 11.41
CA LEU A 26 -16.06 14.99 11.06
C LEU A 26 -15.51 14.34 9.79
N PHE A 27 -15.65 13.03 9.66
CA PHE A 27 -15.27 12.36 8.44
C PHE A 27 -15.96 13.00 7.23
N GLN A 28 -17.26 13.20 7.31
CA GLN A 28 -17.97 13.82 6.19
C GLN A 28 -17.43 15.23 5.90
N HIS A 29 -17.12 15.97 6.96
CA HIS A 29 -16.51 17.30 6.84
C HIS A 29 -15.11 17.26 6.20
N GLU A 30 -14.35 16.20 6.47
CA GLU A 30 -13.02 16.01 5.88
C GLU A 30 -13.14 15.81 4.38
N LEU A 31 -14.23 15.18 3.94
CA LEU A 31 -14.42 14.97 2.50
C LEU A 31 -14.37 16.32 1.79
N LYS A 32 -14.97 17.33 2.41
CA LYS A 32 -15.01 18.68 1.87
C LYS A 32 -13.70 19.42 2.08
N THR A 33 -13.23 19.46 3.33
CA THR A 33 -12.12 20.35 3.72
C THR A 33 -10.71 19.76 3.63
N ILE A 34 -10.61 18.44 3.52
CA ILE A 34 -9.31 17.76 3.32
C ILE A 34 -9.23 17.20 1.89
N PHE A 35 -10.14 16.29 1.56
CA PHE A 35 -10.01 15.51 0.35
C PHE A 35 -10.42 16.25 -0.92
N ALA A 36 -11.41 17.13 -0.82
CA ALA A 36 -11.81 17.91 -2.00
C ALA A 36 -10.89 19.13 -2.20
N ARG A 37 -10.03 19.40 -1.23
CA ARG A 37 -9.22 20.61 -1.22
C ARG A 37 -7.74 20.41 -1.53
N ASN A 38 -7.20 19.25 -1.14
CA ASN A 38 -5.77 18.99 -1.16
C ASN A 38 -5.32 18.06 -2.30
N TRP A 39 -4.01 17.90 -2.46
CA TRP A 39 -3.47 17.09 -3.51
C TRP A 39 -3.45 15.64 -3.08
N LEU A 40 -3.94 14.77 -3.95
CA LEU A 40 -4.07 13.35 -3.69
C LEU A 40 -3.36 12.51 -4.76
N PHE A 41 -2.69 11.45 -4.33
CA PHE A 41 -1.91 10.63 -5.25
C PHE A 41 -2.82 9.83 -6.17
N LEU A 42 -2.52 9.87 -7.48
CA LEU A 42 -3.28 9.14 -8.47
C LEU A 42 -2.54 7.93 -9.03
N THR A 43 -1.38 8.16 -9.64
CA THR A 43 -0.64 7.09 -10.32
C THR A 43 0.77 7.58 -10.61
N HIS A 44 1.52 6.77 -11.36
CA HIS A 44 2.85 7.13 -11.86
C HIS A 44 2.90 7.01 -13.39
N ASP A 45 3.70 7.85 -14.03
CA ASP A 45 3.97 7.72 -15.47
C ASP A 45 4.22 6.27 -15.89
N SER A 46 4.92 5.52 -15.06
CA SER A 46 5.34 4.13 -15.35
C SER A 46 4.16 3.18 -15.45
N LEU A 47 3.02 3.60 -14.91
CA LEU A 47 1.80 2.79 -14.96
C LEU A 47 0.88 3.17 -16.11
N ILE A 48 0.97 4.40 -16.61
CA ILE A 48 0.22 4.78 -17.82
C ILE A 48 1.14 5.52 -18.83
N PRO A 49 2.17 4.82 -19.31
CA PRO A 49 3.20 5.45 -20.18
C PRO A 49 2.76 5.80 -21.59
N ALA A 50 1.83 5.04 -22.17
CA ALA A 50 1.48 5.20 -23.59
C ALA A 50 0.12 5.87 -23.76
N PRO A 51 -0.08 6.57 -24.89
CA PRO A 51 -1.38 7.17 -25.16
C PRO A 51 -2.50 6.15 -25.07
N GLY A 52 -3.54 6.51 -24.33
CA GLY A 52 -4.68 5.62 -24.15
C GLY A 52 -4.61 4.76 -22.91
N ASP A 53 -3.43 4.63 -22.31
CA ASP A 53 -3.31 3.92 -21.05
C ASP A 53 -4.12 4.66 -19.99
N TYR A 54 -4.83 3.90 -19.16
CA TYR A 54 -5.57 4.48 -18.03
C TYR A 54 -5.51 3.57 -16.81
N VAL A 55 -5.78 4.17 -15.66
CA VAL A 55 -6.03 3.46 -14.42
C VAL A 55 -7.22 4.12 -13.72
N THR A 56 -7.84 3.38 -12.80
CA THR A 56 -8.76 4.01 -11.89
C THR A 56 -8.03 4.28 -10.56
N ALA A 57 -8.48 5.31 -9.87
CA ALA A 57 -7.92 5.69 -8.58
C ALA A 57 -9.02 6.29 -7.73
N LYS A 58 -8.85 6.24 -6.41
CA LYS A 58 -9.72 6.98 -5.51
C LYS A 58 -9.13 8.36 -5.22
N MET A 59 -10.01 9.34 -5.09
CA MET A 59 -9.68 10.64 -4.53
C MET A 59 -10.71 10.87 -3.44
N GLY A 60 -10.30 10.72 -2.20
CA GLY A 60 -11.26 10.59 -1.13
C GLY A 60 -12.13 9.37 -1.36
N ILE A 61 -13.45 9.53 -1.25
CA ILE A 61 -14.39 8.44 -1.57
C ILE A 61 -14.82 8.39 -3.02
N ASP A 62 -14.41 9.39 -3.81
CA ASP A 62 -14.75 9.43 -5.22
C ASP A 62 -13.79 8.55 -5.99
N GLU A 63 -14.26 7.99 -7.11
CA GLU A 63 -13.41 7.25 -8.02
C GLU A 63 -13.21 8.02 -9.33
N VAL A 64 -11.97 8.05 -9.79
CA VAL A 64 -11.63 8.74 -11.03
C VAL A 64 -10.93 7.81 -12.03
N ILE A 65 -11.07 8.16 -13.31
CA ILE A 65 -10.32 7.55 -14.42
C ILE A 65 -9.18 8.52 -14.75
N VAL A 66 -7.98 7.98 -14.82
CA VAL A 66 -6.76 8.77 -15.04
C VAL A 66 -6.15 8.25 -16.34
N SER A 67 -6.08 9.12 -17.34
CA SER A 67 -5.81 8.72 -18.71
C SER A 67 -4.71 9.51 -19.38
N ARG A 68 -3.80 8.79 -20.04
CA ARG A 68 -2.73 9.40 -20.82
C ARG A 68 -3.34 9.85 -22.14
N GLN A 69 -3.25 11.15 -22.39
CA GLN A 69 -3.78 11.78 -23.61
C GLN A 69 -2.81 11.60 -24.77
N ASN A 70 -3.29 11.84 -25.98
CA ASN A 70 -2.46 11.72 -27.18
C ASN A 70 -1.29 12.69 -27.22
N ASP A 71 -1.49 13.86 -26.61
CA ASP A 71 -0.47 14.91 -26.57
C ASP A 71 0.56 14.69 -25.45
N GLY A 72 0.41 13.58 -24.72
CA GLY A 72 1.35 13.19 -23.67
C GLY A 72 1.00 13.68 -22.28
N SER A 73 -0.02 14.53 -22.16
CA SER A 73 -0.49 14.99 -20.86
C SER A 73 -1.36 13.91 -20.22
N ILE A 74 -1.72 14.14 -18.96
CA ILE A 74 -2.65 13.25 -18.25
C ILE A 74 -3.85 14.07 -17.77
N ARG A 75 -5.05 13.53 -17.99
CA ARG A 75 -6.28 14.14 -17.49
C ARG A 75 -7.03 13.10 -16.66
N ALA A 76 -7.80 13.57 -15.68
CA ALA A 76 -8.54 12.66 -14.80
C ALA A 76 -9.99 13.11 -14.71
N PHE A 77 -10.90 12.15 -14.65
CA PHE A 77 -12.32 12.42 -14.69
C PHE A 77 -13.03 11.53 -13.70
N LEU A 78 -14.14 12.02 -13.15
CA LEU A 78 -15.01 11.18 -12.32
C LEU A 78 -15.44 9.97 -13.12
N ASN A 79 -15.41 8.80 -12.48
CA ASN A 79 -15.81 7.54 -13.11
C ASN A 79 -17.33 7.37 -13.01
N VAL A 80 -18.06 8.33 -13.57
CA VAL A 80 -19.51 8.39 -13.43
C VAL A 80 -20.08 8.92 -14.72
N CYS A 81 -21.01 8.16 -15.30
CA CYS A 81 -21.66 8.57 -16.54
C CYS A 81 -22.53 9.80 -16.36
N ARG A 82 -22.47 10.69 -17.34
CA ARG A 82 -23.19 11.97 -17.31
C ARG A 82 -24.72 11.84 -17.58
N HIS A 83 -25.16 10.66 -17.96
CA HIS A 83 -26.57 10.42 -18.25
C HIS A 83 -27.33 10.08 -16.95
N ARG A 84 -27.33 8.81 -16.53
CA ARG A 84 -28.00 8.39 -15.29
C ARG A 84 -27.00 7.92 -14.20
N GLY A 85 -25.71 8.20 -14.32
CA GLY A 85 -24.84 8.15 -13.16
C GLY A 85 -24.21 6.80 -12.83
N LYS A 86 -24.26 5.89 -13.79
CA LYS A 86 -23.63 4.59 -13.67
C LYS A 86 -22.11 4.71 -13.63
N THR A 87 -21.45 3.81 -12.93
CA THR A 87 -19.99 3.76 -12.95
C THR A 87 -19.51 3.33 -14.34
N LEU A 88 -18.63 4.12 -14.93
CA LEU A 88 -18.29 3.96 -16.33
C LEU A 88 -17.31 2.82 -16.55
N VAL A 89 -16.23 2.79 -15.75
CA VAL A 89 -15.13 1.83 -15.87
C VAL A 89 -15.09 0.89 -14.65
N SER A 90 -15.11 -0.41 -14.93
CA SER A 90 -15.15 -1.45 -13.88
C SER A 90 -13.82 -2.17 -13.64
N VAL A 91 -12.80 -1.82 -14.43
CA VAL A 91 -11.47 -2.40 -14.31
C VAL A 91 -10.49 -1.41 -13.64
N GLU A 92 -9.31 -1.88 -13.27
CA GLU A 92 -8.33 -1.05 -12.56
C GLU A 92 -7.32 -0.40 -13.48
N ALA A 93 -7.10 -1.02 -14.64
CA ALA A 93 -6.13 -0.53 -15.59
C ALA A 93 -6.41 -1.08 -16.99
N GLY A 94 -5.94 -0.36 -17.99
CA GLY A 94 -6.08 -0.81 -19.37
C GLY A 94 -5.57 0.21 -20.38
N ASN A 95 -5.89 -0.06 -21.64
CA ASN A 95 -5.62 0.89 -22.73
C ASN A 95 -6.86 0.99 -23.62
N ALA A 96 -7.32 2.22 -23.85
CA ALA A 96 -8.50 2.47 -24.65
C ALA A 96 -8.52 3.88 -25.20
N LYS A 97 -9.26 4.08 -26.28
CA LYS A 97 -9.49 5.42 -26.84
C LYS A 97 -10.71 6.12 -26.23
N GLY A 98 -11.48 5.34 -25.48
CA GLY A 98 -12.67 5.86 -24.85
C GLY A 98 -13.31 4.82 -23.98
N PHE A 99 -14.43 5.23 -23.38
CA PHE A 99 -15.13 4.43 -22.42
C PHE A 99 -16.61 4.48 -22.75
N VAL A 100 -17.22 3.31 -22.93
CA VAL A 100 -18.64 3.19 -23.24
C VAL A 100 -19.43 2.72 -22.01
N CYS A 101 -20.51 3.44 -21.72
CA CYS A 101 -21.36 3.11 -20.57
C CYS A 101 -22.24 1.90 -20.87
N SER A 102 -22.26 0.93 -19.97
CA SER A 102 -22.98 -0.32 -20.17
C SER A 102 -24.49 -0.19 -19.93
N TYR A 103 -24.95 0.99 -19.52
CA TYR A 103 -26.37 1.16 -19.27
C TYR A 103 -27.08 1.49 -20.59
N HIS A 104 -26.82 2.68 -21.14
CA HIS A 104 -27.43 3.10 -22.41
C HIS A 104 -26.42 3.33 -23.53
N GLY A 105 -25.15 2.99 -23.33
CA GLY A 105 -24.21 2.97 -24.45
C GLY A 105 -23.55 4.28 -24.84
N TRP A 106 -23.68 5.33 -24.02
CA TRP A 106 -22.98 6.59 -24.26
C TRP A 106 -21.48 6.35 -24.28
N GLY A 107 -20.80 6.98 -25.25
CA GLY A 107 -19.35 6.79 -25.42
C GLY A 107 -18.60 8.09 -25.19
N PHE A 108 -17.66 8.03 -24.25
CA PHE A 108 -16.82 9.14 -23.88
C PHE A 108 -15.41 8.86 -24.36
N GLY A 109 -14.72 9.92 -24.79
CA GLY A 109 -13.33 9.80 -25.16
C GLY A 109 -12.42 9.67 -23.96
N SER A 110 -11.18 9.24 -24.22
CA SER A 110 -10.09 9.32 -23.26
C SER A 110 -9.88 10.75 -22.74
N ASN A 111 -10.33 11.73 -23.51
CA ASN A 111 -10.31 13.14 -23.12
C ASN A 111 -11.56 13.61 -22.41
N GLY A 112 -12.42 12.68 -22.01
CA GLY A 112 -13.61 13.03 -21.25
C GLY A 112 -14.83 13.50 -22.03
N GLU A 113 -14.64 13.78 -23.32
CA GLU A 113 -15.72 14.39 -24.11
C GLU A 113 -16.78 13.34 -24.44
N LEU A 114 -18.04 13.74 -24.47
CA LEU A 114 -19.11 12.86 -24.90
C LEU A 114 -19.04 12.81 -26.43
N GLN A 115 -18.58 11.67 -26.93
CA GLN A 115 -18.29 11.50 -28.36
C GLN A 115 -19.46 10.92 -29.13
N SER A 116 -20.21 10.01 -28.51
CA SER A 116 -21.31 9.36 -29.21
C SER A 116 -22.42 8.97 -28.27
N VAL A 117 -23.62 8.94 -28.83
CA VAL A 117 -24.82 8.60 -28.13
C VAL A 117 -25.56 7.67 -29.11
N PRO A 118 -25.93 6.45 -28.69
CA PRO A 118 -26.62 5.58 -29.64
C PRO A 118 -27.90 6.20 -30.21
N PHE A 119 -28.03 6.13 -31.53
CA PHE A 119 -29.20 6.62 -32.24
C PHE A 119 -29.48 8.11 -31.96
N GLU A 120 -28.42 8.89 -31.80
CA GLU A 120 -28.57 10.28 -31.43
C GLU A 120 -29.52 11.01 -32.38
N LYS A 121 -29.30 10.83 -33.68
CA LYS A 121 -30.10 11.53 -34.68
C LYS A 121 -31.60 11.23 -34.52
N ASP A 122 -31.94 9.94 -34.45
CA ASP A 122 -33.32 9.52 -34.37
C ASP A 122 -33.98 9.92 -33.05
N LEU A 123 -33.19 9.95 -31.98
CA LEU A 123 -33.73 10.10 -30.62
C LEU A 123 -33.66 11.52 -30.10
N TYR A 124 -32.47 12.10 -30.13
CA TYR A 124 -32.27 13.48 -29.63
C TYR A 124 -32.35 14.52 -30.72
N GLY A 125 -32.19 14.10 -31.97
CA GLY A 125 -32.09 15.04 -33.08
C GLY A 125 -30.87 15.89 -32.90
N GLU A 126 -31.06 17.21 -32.88
CA GLU A 126 -29.96 18.14 -32.64
C GLU A 126 -30.02 18.74 -31.23
N SER A 127 -30.86 18.16 -30.36
CA SER A 127 -31.19 18.78 -29.08
C SER A 127 -30.19 18.48 -27.95
N LEU A 128 -29.35 17.45 -28.12
CA LEU A 128 -28.43 17.06 -27.05
C LEU A 128 -27.14 17.85 -27.19
N ASN A 129 -26.81 18.68 -26.20
CA ASN A 129 -25.59 19.48 -26.26
C ASN A 129 -24.43 18.69 -25.66
N LYS A 130 -23.81 17.86 -26.49
CA LYS A 130 -22.74 16.95 -26.05
C LYS A 130 -21.54 17.71 -25.49
N LYS A 131 -21.29 18.90 -26.04
CA LYS A 131 -20.22 19.78 -25.54
C LYS A 131 -20.31 20.09 -24.05
N CYS A 132 -21.51 20.05 -23.49
CA CYS A 132 -21.72 20.30 -22.08
C CYS A 132 -21.86 19.03 -21.25
N LEU A 133 -21.62 17.88 -21.88
CA LEU A 133 -21.90 16.61 -21.22
C LEU A 133 -20.64 15.77 -21.10
N GLY A 134 -19.49 16.42 -21.07
CA GLY A 134 -18.23 15.73 -20.84
C GLY A 134 -18.15 15.25 -19.40
N LEU A 135 -17.35 14.23 -19.16
CA LEU A 135 -17.17 13.73 -17.79
C LEU A 135 -16.66 14.84 -16.88
N LYS A 136 -17.04 14.79 -15.61
CA LYS A 136 -16.64 15.81 -14.63
C LYS A 136 -15.14 15.68 -14.39
N GLU A 137 -14.41 16.74 -14.75
CA GLU A 137 -12.94 16.66 -14.76
C GLU A 137 -12.32 17.13 -13.46
N VAL A 138 -11.26 16.42 -13.07
CA VAL A 138 -10.42 16.84 -11.95
C VAL A 138 -9.68 18.10 -12.38
N ALA A 139 -9.93 19.19 -11.65
CA ALA A 139 -9.45 20.51 -12.04
C ALA A 139 -7.94 20.59 -12.24
N ARG A 140 -7.19 19.93 -11.36
CA ARG A 140 -5.74 20.06 -11.32
C ARG A 140 -5.07 18.69 -11.31
N VAL A 141 -4.13 18.50 -12.22
CA VAL A 141 -3.33 17.27 -12.31
C VAL A 141 -1.89 17.71 -12.59
N GLU A 142 -0.97 17.37 -11.70
CA GLU A 142 0.42 17.73 -11.83
C GLU A 142 1.33 16.57 -11.43
N SER A 143 2.59 16.67 -11.87
CA SER A 143 3.57 15.62 -11.67
C SER A 143 4.73 16.12 -10.79
N PHE A 144 5.18 15.23 -9.91
CA PHE A 144 6.44 15.40 -9.17
C PHE A 144 7.33 14.24 -9.61
N HIS A 145 8.19 14.50 -10.58
CA HIS A 145 9.12 13.48 -11.06
C HIS A 145 8.48 12.14 -11.42
N GLY A 146 7.33 12.23 -12.07
CA GLY A 146 6.60 11.08 -12.60
C GLY A 146 5.46 10.63 -11.71
N PHE A 147 5.43 11.14 -10.48
CA PHE A 147 4.37 10.80 -9.53
C PHE A 147 3.26 11.81 -9.72
N ILE A 148 2.08 11.31 -10.08
CA ILE A 148 0.97 12.12 -10.54
C ILE A 148 -0.05 12.29 -9.42
N TYR A 149 -0.36 13.54 -9.10
CA TYR A 149 -1.34 13.89 -8.07
C TYR A 149 -2.48 14.69 -8.69
N GLY A 150 -3.65 14.62 -8.08
CA GLY A 150 -4.81 15.37 -8.52
C GLY A 150 -5.38 16.22 -7.42
N CYS A 151 -6.11 17.25 -7.80
CA CYS A 151 -6.78 18.09 -6.83
C CYS A 151 -8.05 18.63 -7.45
N PHE A 152 -9.15 18.49 -6.73
CA PHE A 152 -10.46 18.96 -7.22
C PHE A 152 -10.59 20.49 -7.10
N ASP A 153 -9.73 21.11 -6.28
CA ASP A 153 -9.86 22.55 -6.01
C ASP A 153 -8.91 23.37 -6.90
N GLN A 154 -9.49 24.12 -7.84
CA GLN A 154 -8.71 24.96 -8.76
C GLN A 154 -7.82 25.98 -8.02
N GLU A 155 -8.17 26.34 -6.79
CA GLU A 155 -7.46 27.36 -6.04
C GLU A 155 -6.23 26.85 -5.29
N ALA A 156 -5.97 25.54 -5.34
CA ALA A 156 -4.85 24.97 -4.60
C ALA A 156 -3.52 25.53 -5.08
N PRO A 157 -2.51 25.55 -4.19
CA PRO A 157 -1.18 25.86 -4.67
C PRO A 157 -0.67 24.82 -5.65
N PRO A 158 0.28 25.20 -6.51
CA PRO A 158 0.92 24.20 -7.33
C PRO A 158 1.50 23.09 -6.45
N LEU A 159 1.57 21.87 -6.99
CA LEU A 159 2.01 20.69 -6.24
C LEU A 159 3.38 20.94 -5.61
N MET A 160 4.29 21.53 -6.38
CA MET A 160 5.63 21.78 -5.87
C MET A 160 5.61 22.71 -4.65
N ASP A 161 4.85 23.79 -4.71
CA ASP A 161 4.76 24.68 -3.54
C ASP A 161 4.07 23.99 -2.37
N TYR A 162 3.08 23.17 -2.69
CA TYR A 162 2.37 22.39 -1.67
C TYR A 162 3.28 21.44 -0.91
N LEU A 163 4.26 20.85 -1.58
CA LEU A 163 5.27 20.02 -0.91
C LEU A 163 6.14 20.82 0.06
N GLY A 164 6.22 22.13 -0.19
CA GLY A 164 6.93 23.03 0.71
C GLY A 164 8.34 22.55 0.96
N ASP A 165 8.76 22.60 2.23
CA ASP A 165 10.10 22.22 2.60
C ASP A 165 10.38 20.71 2.47
N ALA A 166 9.33 19.89 2.36
CA ALA A 166 9.51 18.45 2.18
C ALA A 166 10.18 18.11 0.84
N ALA A 167 9.91 18.92 -0.19
CA ALA A 167 10.46 18.64 -1.53
C ALA A 167 11.99 18.53 -1.55
N TRP A 168 12.67 19.39 -0.80
CA TRP A 168 14.14 19.40 -0.71
C TRP A 168 14.70 18.03 -0.28
N TYR A 169 14.00 17.39 0.66
CA TYR A 169 14.38 16.07 1.17
C TYR A 169 14.08 14.96 0.18
N LEU A 170 12.98 15.10 -0.57
CA LEU A 170 12.58 14.05 -1.54
C LEU A 170 13.39 14.06 -2.84
N GLU A 171 13.88 15.24 -3.22
CA GLU A 171 14.50 15.41 -4.54
C GLU A 171 15.73 14.51 -4.79
N PRO A 172 16.61 14.31 -3.78
CA PRO A 172 17.75 13.43 -4.09
C PRO A 172 17.35 12.03 -4.63
N MET A 173 16.35 11.42 -4.01
CA MET A 173 15.82 10.13 -4.49
C MET A 173 14.87 10.29 -5.68
N PHE A 174 14.02 11.31 -5.69
CA PHE A 174 12.97 11.39 -6.73
C PHE A 174 13.51 11.97 -8.01
N LYS A 175 14.51 12.81 -7.89
CA LYS A 175 15.06 13.52 -9.04
C LYS A 175 16.50 13.12 -9.35
N HIS A 176 17.38 13.31 -8.38
CA HIS A 176 18.82 13.20 -8.67
C HIS A 176 19.32 11.77 -8.84
N SER A 177 18.52 10.80 -8.43
CA SER A 177 18.83 9.39 -8.61
C SER A 177 18.72 8.92 -10.07
N GLY A 178 18.16 9.78 -10.93
CA GLY A 178 17.84 9.39 -12.29
C GLY A 178 16.36 9.12 -12.44
N GLY A 179 15.65 9.07 -11.33
CA GLY A 179 14.20 8.89 -11.33
C GLY A 179 13.77 7.52 -10.86
N LEU A 180 12.53 7.49 -10.36
CA LEU A 180 11.93 6.30 -9.79
C LEU A 180 10.80 5.79 -10.69
N GLU A 181 10.51 4.51 -10.54
CA GLU A 181 9.37 3.86 -11.17
C GLU A 181 8.50 3.31 -10.08
N LEU A 182 7.19 3.30 -10.31
CA LEU A 182 6.26 2.64 -9.40
C LEU A 182 5.96 1.29 -10.01
N VAL A 183 6.11 0.24 -9.21
CA VAL A 183 5.86 -1.11 -9.64
C VAL A 183 4.46 -1.49 -9.15
N GLY A 184 3.58 -1.72 -10.11
CA GLY A 184 2.23 -2.18 -9.89
C GLY A 184 2.07 -3.66 -10.19
N PRO A 185 0.84 -4.19 -9.98
CA PRO A 185 -0.28 -3.50 -9.41
C PRO A 185 -0.09 -3.44 -7.91
N PRO A 186 -0.84 -2.56 -7.22
CA PRO A 186 -0.70 -2.46 -5.78
C PRO A 186 -1.40 -3.61 -5.07
N GLY A 187 -0.94 -3.95 -3.88
CA GLY A 187 -1.78 -4.69 -2.95
C GLY A 187 -2.91 -3.81 -2.48
N LYS A 188 -4.08 -4.40 -2.19
CA LYS A 188 -5.24 -3.64 -1.64
C LYS A 188 -5.88 -4.44 -0.52
N VAL A 189 -6.00 -3.79 0.64
CA VAL A 189 -6.52 -4.40 1.84
C VAL A 189 -7.30 -3.36 2.62
N VAL A 190 -8.45 -3.77 3.16
CA VAL A 190 -9.21 -2.89 4.03
C VAL A 190 -8.83 -3.13 5.48
N ILE A 191 -8.59 -2.04 6.21
CA ILE A 191 -8.33 -2.09 7.65
C ILE A 191 -9.39 -1.27 8.37
N LYS A 192 -9.64 -1.64 9.62
CA LYS A 192 -10.65 -0.96 10.43
C LYS A 192 -10.04 0.17 11.26
N ALA A 193 -9.38 1.08 10.54
CA ALA A 193 -8.71 2.23 11.15
C ALA A 193 -9.12 3.47 10.38
N ASN A 194 -9.07 4.61 11.06
CA ASN A 194 -9.16 5.92 10.41
C ASN A 194 -7.92 6.15 9.55
N TRP A 195 -8.09 6.79 8.40
CA TRP A 195 -6.99 7.09 7.50
C TRP A 195 -5.85 7.88 8.16
N LYS A 196 -6.16 8.67 9.18
CA LYS A 196 -5.13 9.48 9.86
C LYS A 196 -4.20 8.63 10.73
N ALA A 197 -4.66 7.46 11.18
CA ALA A 197 -3.82 6.64 12.02
C ALA A 197 -2.55 6.19 11.27
N PRO A 198 -2.70 5.55 10.11
CA PRO A 198 -1.46 5.25 9.37
C PRO A 198 -0.75 6.47 8.83
N ALA A 199 -1.50 7.47 8.42
CA ALA A 199 -0.90 8.74 7.92
C ALA A 199 0.03 9.35 8.97
N GLU A 200 -0.40 9.40 10.23
CA GLU A 200 0.39 10.02 11.30
C GLU A 200 1.60 9.12 11.63
N ASN A 201 1.40 7.82 11.52
CA ASN A 201 2.44 6.87 11.89
C ASN A 201 3.61 7.03 10.93
N PHE A 202 3.31 7.02 9.63
CA PHE A 202 4.34 7.20 8.61
C PHE A 202 4.97 8.59 8.58
N VAL A 203 4.23 9.62 8.93
CA VAL A 203 4.80 10.97 8.84
C VAL A 203 5.88 11.23 9.84
N GLY A 204 5.81 10.56 10.96
CA GLY A 204 6.39 11.10 12.15
C GLY A 204 6.82 10.15 13.23
N ASP A 205 6.62 8.86 13.05
CA ASP A 205 6.71 7.96 14.16
C ASP A 205 7.84 6.96 14.14
N ALA A 206 9.01 7.38 14.58
CA ALA A 206 10.11 6.44 14.76
C ALA A 206 10.07 5.78 16.14
N TYR A 207 9.37 6.41 17.08
CA TYR A 207 9.32 5.94 18.47
C TYR A 207 8.76 4.52 18.56
N HIS A 208 7.81 4.20 17.68
CA HIS A 208 7.11 2.90 17.79
C HIS A 208 7.94 1.72 17.27
N VAL A 209 8.95 2.01 16.46
CA VAL A 209 9.58 0.97 15.65
C VAL A 209 10.16 -0.19 16.47
N GLY A 210 11.00 0.13 17.44
CA GLY A 210 11.64 -0.88 18.29
C GLY A 210 10.68 -1.78 19.03
N TRP A 211 9.54 -1.23 19.47
CA TRP A 211 8.61 -1.97 20.30
C TRP A 211 7.53 -2.63 19.44
N THR A 212 6.83 -1.83 18.63
CA THR A 212 5.80 -2.38 17.72
C THR A 212 6.39 -3.48 16.81
N HIS A 213 7.55 -3.21 16.20
CA HIS A 213 8.14 -4.11 15.20
C HIS A 213 9.24 -5.00 15.80
N ALA A 214 9.25 -5.17 17.11
CA ALA A 214 10.26 -6.00 17.77
C ALA A 214 10.43 -7.35 17.10
N SER A 215 9.32 -8.03 16.81
CA SER A 215 9.39 -9.37 16.24
C SER A 215 9.91 -9.35 14.79
N SER A 216 9.53 -8.31 14.04
CA SER A 216 9.91 -8.18 12.64
C SER A 216 11.39 -7.79 12.53
N LEU A 217 11.82 -6.92 13.42
CA LEU A 217 13.23 -6.54 13.55
C LEU A 217 14.08 -7.76 13.90
N ARG A 218 13.68 -8.53 14.90
CA ARG A 218 14.44 -9.71 15.33
C ARG A 218 14.48 -10.81 14.26
N SER A 219 13.33 -11.07 13.64
CA SER A 219 13.16 -12.21 12.73
C SER A 219 13.68 -11.93 11.35
N GLY A 220 13.50 -10.68 10.96
CA GLY A 220 13.40 -10.31 9.57
C GLY A 220 14.68 -10.03 8.88
N GLU A 221 15.77 -9.98 9.61
CA GLU A 221 17.03 -10.02 8.95
C GLU A 221 17.56 -8.67 8.40
N SER A 222 17.20 -7.53 9.03
CA SER A 222 17.35 -6.17 8.48
C SER A 222 18.35 -5.17 9.11
N ILE A 223 18.60 -4.06 8.43
CA ILE A 223 19.56 -3.05 8.89
C ILE A 223 19.24 -2.21 10.13
N PHE A 224 17.97 -1.93 10.39
CA PHE A 224 17.59 -1.28 11.60
C PHE A 224 17.38 -2.23 12.81
N SER A 225 17.82 -3.48 12.71
CA SER A 225 17.44 -4.56 13.63
C SER A 225 17.96 -4.45 15.07
N SER A 226 18.91 -3.56 15.32
CA SER A 226 19.43 -3.35 16.69
C SER A 226 18.35 -2.73 17.58
N LEU A 227 17.27 -2.29 16.95
CA LEU A 227 16.21 -1.64 17.70
C LEU A 227 15.26 -2.65 18.37
N ALA A 228 15.33 -3.93 18.01
CA ALA A 228 14.31 -4.90 18.44
C ALA A 228 14.07 -4.87 19.94
N GLY A 229 12.80 -4.67 20.33
CA GLY A 229 12.42 -4.72 21.74
C GLY A 229 12.99 -3.57 22.56
N ASN A 230 13.29 -2.44 21.91
CA ASN A 230 13.92 -1.29 22.54
C ASN A 230 15.24 -1.65 23.24
N ALA A 231 15.96 -2.58 22.60
CA ALA A 231 17.24 -3.06 23.12
C ALA A 231 18.31 -1.98 23.01
N ALA A 232 18.15 -1.08 22.04
CA ALA A 232 19.12 -0.02 21.82
C ALA A 232 18.48 1.21 21.17
N LEU A 233 18.75 2.37 21.76
CA LEU A 233 18.33 3.64 21.19
C LEU A 233 19.31 4.01 20.08
N PRO A 234 18.80 4.47 18.93
CA PRO A 234 19.65 5.04 17.90
C PRO A 234 20.64 6.04 18.48
N PRO A 235 21.87 6.05 17.96
CA PRO A 235 22.84 6.96 18.53
C PRO A 235 22.48 8.41 18.27
N GLU A 236 23.08 9.29 19.07
CA GLU A 236 23.05 10.72 18.80
C GLU A 236 23.31 10.98 17.33
N GLY A 237 22.49 11.84 16.74
CA GLY A 237 22.71 12.25 15.36
C GLY A 237 22.40 11.17 14.35
N ALA A 238 21.59 10.20 14.73
CA ALA A 238 21.25 9.12 13.82
C ALA A 238 20.21 9.54 12.82
N GLY A 239 19.61 10.69 13.10
CA GLY A 239 18.61 11.20 12.19
C GLY A 239 17.96 12.50 12.58
N LEU A 240 16.90 12.85 11.88
CA LEU A 240 16.15 14.06 12.16
C LEU A 240 14.70 13.91 11.77
N GLN A 241 13.91 14.93 12.10
CA GLN A 241 12.52 14.98 11.75
C GLN A 241 12.22 16.32 11.07
N MET A 242 11.31 16.34 10.11
CA MET A 242 10.88 17.65 9.60
C MET A 242 9.40 17.74 9.31
N THR A 243 8.92 18.97 9.23
CA THR A 243 7.56 19.21 8.80
C THR A 243 7.47 20.56 8.05
N SER A 244 6.30 20.81 7.48
CA SER A 244 6.13 21.84 6.46
C SER A 244 4.78 22.54 6.58
N LYS A 245 4.65 23.65 5.87
CA LYS A 245 3.50 24.51 5.99
C LYS A 245 2.18 23.80 5.66
N TYR A 246 2.19 23.02 4.59
CA TYR A 246 0.97 22.36 4.07
C TYR A 246 0.80 20.93 4.60
N GLY A 247 1.57 20.56 5.63
CA GLY A 247 1.28 19.40 6.47
C GLY A 247 2.17 18.20 6.18
N SER A 248 2.86 18.22 5.04
CA SER A 248 3.76 17.09 4.69
C SER A 248 4.97 17.12 5.61
N GLY A 249 5.46 15.92 5.92
CA GLY A 249 6.59 15.78 6.80
C GLY A 249 7.26 14.43 6.67
N MET A 250 8.41 14.29 7.33
CA MET A 250 9.12 12.99 7.30
C MET A 250 10.16 12.89 8.38
N GLY A 251 10.53 11.63 8.65
CA GLY A 251 11.74 11.33 9.42
C GLY A 251 12.83 10.95 8.45
N VAL A 252 14.06 11.19 8.89
CA VAL A 252 15.28 10.88 8.17
C VAL A 252 16.13 10.04 9.08
N LEU A 253 16.43 8.83 8.65
CA LEU A 253 17.32 7.94 9.37
C LEU A 253 18.56 7.79 8.49
N TRP A 254 19.63 8.45 8.92
CA TRP A 254 20.82 8.59 8.10
C TRP A 254 21.36 7.22 7.66
N ASP A 255 21.67 7.11 6.36
CA ASP A 255 22.41 5.97 5.79
C ASP A 255 21.65 4.65 5.62
N GLY A 256 20.39 4.57 6.10
CA GLY A 256 19.69 3.28 6.10
C GLY A 256 19.09 2.86 4.77
N TYR A 257 19.94 2.79 3.75
CA TYR A 257 19.51 2.54 2.39
C TYR A 257 18.87 1.16 2.15
N SER A 258 19.21 0.17 2.97
CA SER A 258 18.60 -1.14 2.79
C SER A 258 17.25 -1.23 3.52
N GLY A 259 16.97 -0.22 4.36
CA GLY A 259 15.65 -0.12 5.02
C GLY A 259 15.21 -1.39 5.71
N VAL A 260 13.96 -1.79 5.46
CA VAL A 260 13.40 -2.99 6.11
C VAL A 260 13.81 -4.28 5.42
N HIS A 261 14.59 -4.19 4.34
CA HIS A 261 14.89 -5.38 3.54
C HIS A 261 15.76 -6.39 4.26
N SER A 262 15.43 -7.66 4.07
CA SER A 262 16.03 -8.70 4.87
C SER A 262 17.43 -8.91 4.37
N ALA A 263 18.25 -9.46 5.25
CA ALA A 263 19.66 -9.65 5.02
C ALA A 263 19.97 -10.14 3.61
N ASP A 264 19.06 -10.93 3.03
CA ASP A 264 19.24 -11.32 1.62
C ASP A 264 19.64 -10.14 0.70
N LEU A 265 18.98 -8.98 0.86
CA LEU A 265 19.19 -7.81 -0.04
C LEU A 265 20.17 -6.74 0.49
N VAL A 266 20.58 -6.86 1.75
CA VAL A 266 21.32 -5.78 2.40
C VAL A 266 22.65 -5.40 1.71
N PRO A 267 23.53 -6.39 1.46
CA PRO A 267 24.81 -6.08 0.82
C PRO A 267 24.69 -5.46 -0.58
N GLU A 268 23.80 -6.01 -1.39
CA GLU A 268 23.56 -5.53 -2.73
C GLU A 268 23.08 -4.09 -2.72
N LEU A 269 22.10 -3.83 -1.85
CA LEU A 269 21.55 -2.49 -1.75
C LEU A 269 22.58 -1.50 -1.21
N MET A 270 23.23 -1.86 -0.12
CA MET A 270 24.22 -0.97 0.47
C MET A 270 25.34 -0.63 -0.52
N ALA A 271 25.71 -1.58 -1.38
CA ALA A 271 26.67 -1.31 -2.45
C ALA A 271 26.12 -0.34 -3.49
N PHE A 272 24.91 -0.61 -3.96
CA PHE A 272 24.28 0.19 -5.02
C PHE A 272 24.07 1.63 -4.58
N GLY A 273 23.50 1.84 -3.40
CA GLY A 273 23.25 3.19 -2.91
C GLY A 273 24.54 3.95 -2.62
N GLY A 274 25.51 3.26 -2.05
CA GLY A 274 26.81 3.88 -1.80
C GLY A 274 27.50 4.35 -3.07
N ALA A 275 27.45 3.51 -4.10
CA ALA A 275 28.06 3.83 -5.39
C ALA A 275 27.38 5.06 -6.03
N LYS A 276 26.05 5.10 -6.00
CA LYS A 276 25.34 6.29 -6.53
C LYS A 276 25.60 7.54 -5.69
N GLN A 277 25.65 7.39 -4.37
CA GLN A 277 25.99 8.51 -3.48
C GLN A 277 27.35 9.12 -3.84
N GLU A 278 28.32 8.28 -4.17
CA GLU A 278 29.68 8.77 -4.52
C GLU A 278 29.61 9.66 -5.75
N ARG A 279 28.83 9.26 -6.75
CA ARG A 279 28.60 10.09 -7.95
C ARG A 279 27.85 11.39 -7.63
N LEU A 280 26.84 11.31 -6.76
CA LEU A 280 26.00 12.46 -6.45
C LEU A 280 26.71 13.52 -5.60
N ASN A 281 27.73 13.13 -4.83
CA ASN A 281 28.49 14.09 -4.02
C ASN A 281 28.93 15.29 -4.86
N LYS A 282 29.37 14.99 -6.08
CA LYS A 282 29.90 15.99 -7.02
C LYS A 282 28.80 16.89 -7.58
N GLU A 283 27.58 16.37 -7.67
CA GLU A 283 26.48 17.04 -8.35
C GLU A 283 25.62 17.86 -7.38
N ILE A 284 25.28 17.28 -6.23
CA ILE A 284 24.38 17.95 -5.31
C ILE A 284 24.94 18.22 -3.92
N GLY A 285 26.20 17.82 -3.70
CA GLY A 285 26.84 18.04 -2.41
C GLY A 285 26.70 16.86 -1.48
N ASP A 286 27.60 16.77 -0.50
CA ASP A 286 27.64 15.60 0.37
C ASP A 286 26.38 15.42 1.20
N VAL A 287 25.84 16.50 1.78
CA VAL A 287 24.63 16.34 2.61
C VAL A 287 23.47 15.77 1.76
N ARG A 288 23.20 16.35 0.60
CA ARG A 288 22.04 15.90 -0.17
C ARG A 288 22.28 14.52 -0.79
N ALA A 289 23.51 14.22 -1.20
CA ALA A 289 23.85 12.85 -1.65
C ALA A 289 23.63 11.81 -0.54
N ARG A 290 23.88 12.21 0.71
CA ARG A 290 23.68 11.34 1.86
C ARG A 290 22.17 11.15 2.09
N ILE A 291 21.42 12.24 1.99
CA ILE A 291 19.96 12.16 2.08
C ILE A 291 19.39 11.16 1.04
N TYR A 292 19.90 11.19 -0.19
CA TYR A 292 19.48 10.24 -1.22
C TYR A 292 19.47 8.81 -0.64
N ARG A 293 20.54 8.42 0.06
CA ARG A 293 20.68 7.02 0.54
C ARG A 293 20.34 6.87 2.02
N SER A 294 19.48 7.79 2.49
CA SER A 294 18.96 7.74 3.83
C SER A 294 17.46 7.40 3.77
N HIS A 295 17.02 6.67 4.79
CA HIS A 295 15.65 6.18 4.88
C HIS A 295 14.75 7.32 5.31
N LEU A 296 13.78 7.64 4.45
CA LEU A 296 12.79 8.67 4.73
C LEU A 296 11.44 8.01 4.93
N ASN A 297 10.85 8.22 6.10
CA ASN A 297 9.45 7.86 6.37
C ASN A 297 8.65 9.12 6.23
N CYS A 298 7.84 9.20 5.19
CA CYS A 298 7.20 10.49 4.81
C CYS A 298 5.70 10.32 4.59
N THR A 299 4.92 11.34 4.99
CA THR A 299 3.56 11.48 4.52
C THR A 299 3.43 12.78 3.72
N VAL A 300 3.00 12.61 2.48
CA VAL A 300 2.56 13.73 1.63
C VAL A 300 1.08 13.95 2.00
N PHE A 301 0.84 15.03 2.74
CA PHE A 301 -0.48 15.37 3.21
C PHE A 301 -1.50 15.30 2.08
N PRO A 302 -2.70 14.77 2.37
CA PRO A 302 -3.15 14.15 3.62
C PRO A 302 -2.79 12.67 3.79
N ASN A 303 -2.91 11.89 2.72
CA ASN A 303 -3.03 10.43 2.86
C ASN A 303 -2.16 9.57 1.95
N ASN A 304 -1.00 10.09 1.53
CA ASN A 304 -0.05 9.33 0.74
C ASN A 304 1.21 9.22 1.59
N SER A 305 1.70 8.00 1.81
CA SER A 305 2.89 7.81 2.62
C SER A 305 3.90 6.93 1.87
N MET A 306 5.14 6.98 2.33
CA MET A 306 6.21 6.22 1.68
C MET A 306 7.35 6.01 2.64
N LEU A 307 8.13 4.96 2.36
CA LEU A 307 9.42 4.74 2.99
C LEU A 307 10.41 4.68 1.87
N THR A 308 11.23 5.72 1.67
CA THR A 308 12.20 5.65 0.59
C THR A 308 13.27 4.65 1.01
N CYS A 309 14.00 4.11 0.04
CA CYS A 309 15.04 3.09 0.26
C CYS A 309 14.43 1.71 0.54
N SER A 310 13.54 1.62 1.52
CA SER A 310 12.71 0.42 1.67
C SER A 310 11.81 0.26 0.42
N GLY A 311 11.41 1.38 -0.18
CA GLY A 311 10.63 1.33 -1.41
C GLY A 311 9.14 1.12 -1.25
N VAL A 312 8.61 1.42 -0.06
CA VAL A 312 7.19 1.24 0.25
C VAL A 312 6.44 2.52 -0.14
N PHE A 313 5.36 2.38 -0.90
CA PHE A 313 4.51 3.52 -1.31
C PHE A 313 3.05 3.16 -1.03
N LYS A 314 2.40 4.01 -0.23
CA LYS A 314 1.09 3.76 0.37
C LYS A 314 0.07 4.83 0.04
N VAL A 315 -1.17 4.42 -0.20
CA VAL A 315 -2.29 5.35 -0.22
C VAL A 315 -3.28 4.85 0.83
N TRP A 316 -3.64 5.74 1.77
CA TRP A 316 -4.63 5.41 2.81
C TRP A 316 -5.99 5.94 2.36
N ASN A 317 -6.71 5.12 1.61
CA ASN A 317 -7.95 5.59 0.98
C ASN A 317 -9.12 5.57 1.97
N PRO A 318 -9.73 6.74 2.22
CA PRO A 318 -10.76 6.77 3.27
C PRO A 318 -12.06 6.13 2.85
N ILE A 319 -12.71 5.38 3.74
CA ILE A 319 -14.02 4.79 3.47
C ILE A 319 -15.06 5.33 4.45
N ASP A 320 -14.75 5.23 5.73
CA ASP A 320 -15.47 5.94 6.80
C ASP A 320 -14.52 6.15 7.98
N ALA A 321 -15.04 6.66 9.11
CA ALA A 321 -14.13 7.05 10.20
C ALA A 321 -13.33 5.89 10.76
N ASN A 322 -13.84 4.66 10.65
CA ASN A 322 -13.08 3.51 11.13
C ASN A 322 -12.84 2.49 10.02
N THR A 323 -12.78 2.93 8.75
CA THR A 323 -12.47 2.04 7.63
C THR A 323 -11.60 2.76 6.61
N THR A 324 -10.50 2.10 6.24
CA THR A 324 -9.56 2.62 5.26
C THR A 324 -9.11 1.50 4.31
N GLU A 325 -9.02 1.81 3.01
CA GLU A 325 -8.56 0.85 2.00
C GLU A 325 -7.10 1.19 1.68
N VAL A 326 -6.21 0.27 2.02
CA VAL A 326 -4.77 0.49 1.93
C VAL A 326 -4.25 -0.03 0.60
N TRP A 327 -3.70 0.87 -0.21
CA TRP A 327 -3.04 0.51 -1.46
C TRP A 327 -1.51 0.51 -1.26
N THR A 328 -0.81 -0.55 -1.66
CA THR A 328 0.64 -0.65 -1.47
C THR A 328 1.35 -0.94 -2.77
N TYR A 329 2.17 0.01 -3.22
CA TYR A 329 3.05 -0.17 -4.36
C TYR A 329 4.52 -0.23 -3.89
N ALA A 330 5.39 -0.64 -4.82
CA ALA A 330 6.82 -0.61 -4.61
C ALA A 330 7.41 0.48 -5.47
N ILE A 331 8.37 1.22 -4.93
CA ILE A 331 9.11 2.19 -5.72
C ILE A 331 10.52 1.65 -5.91
N VAL A 332 11.03 1.77 -7.13
CA VAL A 332 12.39 1.37 -7.45
C VAL A 332 13.10 2.44 -8.27
N GLU A 333 14.42 2.46 -8.20
CA GLU A 333 15.21 3.37 -9.01
C GLU A 333 15.32 2.81 -10.42
N LYS A 334 15.05 3.66 -11.41
CA LYS A 334 14.99 3.23 -12.81
C LYS A 334 16.25 2.53 -13.27
N ASP A 335 17.42 2.99 -12.79
CA ASP A 335 18.69 2.43 -13.25
C ASP A 335 19.20 1.24 -12.48
N MET A 336 18.40 0.70 -11.56
CA MET A 336 18.75 -0.55 -10.92
C MET A 336 18.64 -1.65 -11.95
N PRO A 337 19.44 -2.72 -11.79
CA PRO A 337 19.27 -3.88 -12.65
C PRO A 337 17.86 -4.45 -12.48
N GLU A 338 17.30 -4.96 -13.58
CA GLU A 338 15.93 -5.45 -13.56
C GLU A 338 15.71 -6.56 -12.54
N ASP A 339 16.68 -7.46 -12.36
CA ASP A 339 16.53 -8.54 -11.38
C ASP A 339 16.44 -8.01 -9.96
N LEU A 340 17.21 -6.97 -9.67
CA LEU A 340 17.14 -6.30 -8.37
C LEU A 340 15.79 -5.60 -8.16
N LYS A 341 15.29 -4.91 -9.18
CA LYS A 341 13.96 -4.28 -9.11
C LYS A 341 12.89 -5.33 -8.76
N ARG A 342 12.95 -6.49 -9.43
CA ARG A 342 12.00 -7.56 -9.17
C ARG A 342 12.05 -8.02 -7.71
N ARG A 343 13.26 -8.27 -7.22
CA ARG A 343 13.40 -8.74 -5.86
C ARG A 343 13.02 -7.65 -4.84
N LEU A 344 13.34 -6.40 -5.15
CA LEU A 344 12.93 -5.30 -4.29
C LEU A 344 11.41 -5.18 -4.18
N ALA A 345 10.72 -5.25 -5.33
CA ALA A 345 9.26 -5.21 -5.37
C ALA A 345 8.67 -6.32 -4.49
N ASP A 346 9.16 -7.55 -4.66
CA ASP A 346 8.65 -8.65 -3.83
C ASP A 346 8.91 -8.40 -2.36
N SER A 347 10.07 -7.85 -2.04
CA SER A 347 10.44 -7.58 -0.63
C SER A 347 9.57 -6.50 0.02
N VAL A 348 9.26 -5.45 -0.73
CA VAL A 348 8.29 -4.45 -0.29
C VAL A 348 6.95 -5.14 0.09
N GLN A 349 6.46 -6.04 -0.74
CA GLN A 349 5.17 -6.67 -0.45
C GLN A 349 5.32 -7.66 0.69
N ARG A 350 6.47 -8.34 0.74
CA ARG A 350 6.77 -9.29 1.81
C ARG A 350 6.72 -8.63 3.17
N THR A 351 7.16 -7.37 3.25
CA THR A 351 7.26 -6.66 4.52
C THR A 351 6.06 -5.78 4.82
N PHE A 352 5.58 -5.07 3.81
CA PHE A 352 4.55 -4.07 3.99
C PHE A 352 3.30 -4.26 3.12
N GLY A 353 3.21 -5.37 2.41
CA GLY A 353 2.05 -5.64 1.55
C GLY A 353 0.89 -6.27 2.29
N PRO A 354 -0.08 -6.85 1.55
CA PRO A 354 -1.25 -7.48 2.20
C PRO A 354 -0.91 -8.57 3.24
N ALA A 355 0.16 -9.32 2.99
CA ALA A 355 0.74 -10.26 3.95
C ALA A 355 2.07 -9.75 4.47
N GLY A 356 2.22 -8.42 4.53
CA GLY A 356 3.45 -7.83 5.05
C GLY A 356 3.61 -8.08 6.53
N PHE A 357 4.66 -8.80 6.92
CA PHE A 357 4.79 -9.11 8.33
C PHE A 357 5.09 -7.88 9.18
N TRP A 358 5.79 -6.88 8.63
CA TRP A 358 5.97 -5.63 9.36
C TRP A 358 4.65 -4.89 9.49
N GLU A 359 3.94 -4.72 8.37
CA GLU A 359 2.66 -4.01 8.35
C GLU A 359 1.69 -4.65 9.35
N SER A 360 1.73 -5.98 9.44
CA SER A 360 0.86 -6.70 10.37
C SER A 360 1.04 -6.26 11.82
N ASP A 361 2.28 -5.94 12.20
CA ASP A 361 2.60 -5.47 13.54
C ASP A 361 1.82 -4.21 13.92
N ASP A 362 1.52 -3.40 12.90
CA ASP A 362 0.86 -2.10 13.10
C ASP A 362 -0.67 -2.20 13.20
N ASN A 363 -1.24 -3.32 12.75
CA ASN A 363 -2.71 -3.44 12.61
C ASN A 363 -3.48 -3.08 13.87
N ASP A 364 -3.18 -3.75 14.98
CA ASP A 364 -3.93 -3.54 16.22
C ASP A 364 -3.75 -2.13 16.76
N ASN A 365 -2.54 -1.59 16.62
CA ASN A 365 -2.26 -0.22 17.05
C ASN A 365 -3.20 0.73 16.34
N MET A 366 -3.28 0.65 15.02
CA MET A 366 -4.11 1.59 14.28
C MET A 366 -5.60 1.38 14.39
N GLU A 367 -5.99 0.14 14.35
CA GLU A 367 -7.38 -0.22 14.52
C GLU A 367 -7.97 0.18 15.89
N THR A 368 -7.29 -0.15 16.96
CA THR A 368 -7.87 0.11 18.29
C THR A 368 -7.78 1.60 18.63
N ALA A 369 -6.69 2.25 18.25
CA ALA A 369 -6.58 3.68 18.50
C ALA A 369 -7.70 4.42 17.78
N SER A 370 -8.05 3.93 16.59
CA SER A 370 -9.10 4.54 15.81
C SER A 370 -10.46 4.27 16.44
N GLN A 371 -10.70 3.01 16.76
CA GLN A 371 -12.00 2.59 17.28
C GLN A 371 -12.28 3.19 18.67
N ASN A 372 -11.23 3.39 19.44
CA ASN A 372 -11.39 3.99 20.76
C ASN A 372 -11.90 5.43 20.65
N GLY A 373 -11.69 6.06 19.50
CA GLY A 373 -12.13 7.44 19.29
C GLY A 373 -13.65 7.56 19.20
N LYS A 374 -14.34 6.42 19.05
CA LYS A 374 -15.80 6.38 19.09
C LYS A 374 -16.33 6.20 20.50
N LYS A 375 -15.51 5.70 21.41
CA LYS A 375 -15.98 5.33 22.75
C LYS A 375 -16.28 6.55 23.60
N TYR A 376 -17.40 6.50 24.31
CA TYR A 376 -17.94 7.67 24.99
C TYR A 376 -16.92 8.38 25.89
N GLN A 377 -16.22 7.63 26.73
CA GLN A 377 -15.29 8.26 27.68
C GLN A 377 -13.97 8.74 27.07
N SER A 378 -13.73 8.40 25.81
CA SER A 378 -12.49 8.76 25.11
C SER A 378 -12.65 9.88 24.06
N ARG A 379 -13.88 10.14 23.61
CA ARG A 379 -14.10 11.14 22.57
C ARG A 379 -13.41 12.47 22.86
N ASP A 380 -13.53 12.94 24.09
CA ASP A 380 -13.02 14.26 24.53
C ASP A 380 -11.64 14.16 25.18
N SER A 381 -11.01 12.99 25.06
CA SER A 381 -9.66 12.80 25.59
C SER A 381 -8.61 13.33 24.60
N ASP A 382 -7.41 13.59 25.11
CA ASP A 382 -6.33 14.21 24.35
C ASP A 382 -5.23 13.20 23.98
N LEU A 383 -5.07 12.97 22.68
CA LEU A 383 -3.96 12.22 22.11
C LEU A 383 -2.74 13.15 22.18
N LEU A 384 -1.60 12.66 22.67
CA LEU A 384 -0.45 13.51 22.93
C LEU A 384 0.58 13.43 21.82
N SER A 385 1.09 14.60 21.39
CA SER A 385 2.18 14.65 20.43
C SER A 385 3.18 15.76 20.82
N ASN A 386 3.67 15.68 22.05
CA ASN A 386 4.56 16.69 22.64
C ASN A 386 6.04 16.32 22.67
N LEU A 387 6.41 15.12 22.23
CA LEU A 387 7.82 14.69 22.31
C LEU A 387 8.67 15.61 21.44
N GLY A 388 9.69 16.22 22.04
CA GLY A 388 10.60 17.11 21.33
C GLY A 388 10.12 18.56 21.23
N PHE A 389 8.94 18.85 21.76
CA PHE A 389 8.42 20.19 21.67
C PHE A 389 9.33 21.16 22.43
N GLY A 390 9.59 22.31 21.83
CA GLY A 390 10.47 23.32 22.38
C GLY A 390 11.92 23.16 21.98
N GLU A 391 12.21 22.15 21.17
CA GLU A 391 13.56 21.95 20.60
C GLU A 391 13.57 22.00 19.07
N ASP A 392 12.43 22.20 18.43
CA ASP A 392 12.43 22.33 16.97
C ASP A 392 12.95 23.69 16.54
N VAL A 393 13.53 23.73 15.34
CA VAL A 393 13.98 24.97 14.73
C VAL A 393 13.30 25.18 13.37
N TYR A 394 13.41 26.41 12.88
CA TYR A 394 13.04 26.76 11.52
C TYR A 394 14.17 27.57 10.87
N GLY A 395 14.32 27.44 9.55
CA GLY A 395 15.29 28.27 8.80
C GLY A 395 16.75 27.89 9.00
N ASP A 396 16.99 26.61 9.35
CA ASP A 396 18.35 26.12 9.58
C ASP A 396 19.17 26.28 8.32
N ALA A 397 20.47 26.48 8.46
CA ALA A 397 21.34 26.73 7.31
C ALA A 397 21.54 25.50 6.44
N VAL A 398 21.29 24.32 6.98
CA VAL A 398 21.53 23.06 6.25
C VAL A 398 20.23 22.32 5.90
N TYR A 399 19.31 22.27 6.86
CA TYR A 399 18.08 21.43 6.74
C TYR A 399 16.84 22.31 6.83
N PRO A 400 16.07 22.41 5.73
CA PRO A 400 14.92 23.30 5.73
C PRO A 400 13.63 22.73 6.34
N GLY A 401 12.73 23.65 6.68
CA GLY A 401 11.45 23.33 7.30
C GLY A 401 11.48 23.51 8.80
N VAL A 402 10.42 23.08 9.48
CA VAL A 402 10.49 22.96 10.94
C VAL A 402 11.16 21.63 11.21
N VAL A 403 12.29 21.67 11.90
CA VAL A 403 13.18 20.51 12.01
C VAL A 403 13.46 20.20 13.46
N GLY A 404 13.31 18.94 13.83
CA GLY A 404 13.83 18.43 15.11
C GLY A 404 15.10 17.67 14.79
N LYS A 405 16.23 18.11 15.33
CA LYS A 405 17.51 17.45 15.04
C LYS A 405 17.73 16.26 15.95
N SER A 406 16.79 15.31 15.91
CA SER A 406 16.89 14.04 16.62
C SER A 406 16.12 13.01 15.81
N ALA A 407 16.54 11.75 15.91
CA ALA A 407 15.93 10.67 15.11
C ALA A 407 14.49 10.37 15.52
N ILE A 408 14.20 10.50 16.81
CA ILE A 408 12.90 10.12 17.37
C ILE A 408 12.21 11.31 18.05
N GLY A 409 11.03 11.66 17.55
CA GLY A 409 10.23 12.71 18.17
C GLY A 409 8.86 12.82 17.53
N GLU A 410 8.15 13.88 17.86
CA GLU A 410 6.79 14.08 17.33
C GLU A 410 6.64 15.42 16.57
N THR A 411 7.78 15.95 16.12
CA THR A 411 7.80 17.13 15.25
C THR A 411 6.82 17.02 14.08
N SER A 412 6.83 15.89 13.39
CA SER A 412 6.07 15.78 12.16
C SER A 412 4.58 15.58 12.44
N TYR A 413 4.25 14.97 13.57
CA TYR A 413 2.87 14.93 14.03
C TYR A 413 2.31 16.35 14.20
N ARG A 414 3.08 17.17 14.90
CA ARG A 414 2.67 18.55 15.19
C ARG A 414 2.40 19.34 13.92
N GLY A 415 3.28 19.23 12.91
CA GLY A 415 3.04 19.94 11.67
C GLY A 415 1.87 19.38 10.86
N PHE A 416 1.74 18.07 10.84
CA PHE A 416 0.60 17.40 10.18
C PHE A 416 -0.71 17.91 10.76
N TYR A 417 -0.83 17.84 12.07
CA TYR A 417 -2.08 18.21 12.72
C TYR A 417 -2.32 19.74 12.74
N ARG A 418 -1.27 20.56 12.77
CA ARG A 418 -1.47 22.01 12.59
C ARG A 418 -2.13 22.29 11.24
N ALA A 419 -1.61 21.68 10.16
CA ALA A 419 -2.21 21.81 8.82
C ALA A 419 -3.65 21.26 8.79
N TYR A 420 -3.86 20.06 9.35
CA TYR A 420 -5.19 19.47 9.44
C TYR A 420 -6.22 20.42 10.07
N GLN A 421 -5.88 21.00 11.21
CA GLN A 421 -6.78 21.89 11.93
C GLN A 421 -7.03 23.16 11.15
N ALA A 422 -5.99 23.71 10.52
CA ALA A 422 -6.16 24.90 9.68
C ALA A 422 -7.13 24.63 8.52
N HIS A 423 -7.07 23.44 7.90
CA HIS A 423 -8.03 23.11 6.86
C HIS A 423 -9.44 22.90 7.37
N VAL A 424 -9.58 22.14 8.46
CA VAL A 424 -10.91 21.80 8.98
C VAL A 424 -11.70 23.05 9.39
N SER A 425 -11.00 24.06 9.85
CA SER A 425 -11.63 25.30 10.32
C SER A 425 -11.72 26.39 9.24
N SER A 426 -11.34 26.06 8.00
CA SER A 426 -11.33 27.02 6.89
C SER A 426 -12.26 26.58 5.77
N SER A 427 -12.87 27.56 5.09
CA SER A 427 -13.81 27.29 4.00
C SER A 427 -13.17 27.22 2.64
N ASN A 428 -11.92 27.66 2.55
CA ASN A 428 -11.23 27.71 1.26
C ASN A 428 -9.73 27.90 1.49
N TRP A 429 -8.98 27.87 0.40
CA TRP A 429 -7.53 28.00 0.49
C TRP A 429 -7.12 29.36 1.06
N ALA A 430 -7.86 30.42 0.74
CA ALA A 430 -7.49 31.75 1.25
C ALA A 430 -7.53 31.75 2.78
N GLU A 431 -8.58 31.16 3.34
CA GLU A 431 -8.71 31.06 4.78
C GLU A 431 -7.61 30.17 5.37
N PHE A 432 -7.26 29.08 4.70
CA PHE A 432 -6.15 28.23 5.19
C PHE A 432 -4.87 29.07 5.28
N GLU A 433 -4.61 29.87 4.26
CA GLU A 433 -3.39 30.66 4.23
C GLU A 433 -3.37 31.67 5.38
N HIS A 434 -4.50 32.31 5.61
CA HIS A 434 -4.64 33.27 6.70
C HIS A 434 -4.41 32.57 8.04
N ALA A 435 -4.89 31.33 8.14
CA ALA A 435 -4.75 30.53 9.36
C ALA A 435 -3.34 29.96 9.50
N SER A 436 -2.51 30.14 8.49
CA SER A 436 -1.18 29.52 8.48
C SER A 436 -0.04 30.53 8.33
N SER A 437 -0.34 31.80 8.46
CA SER A 437 0.64 32.86 8.23
C SER A 437 1.75 32.88 9.27
N THR A 438 1.54 32.23 10.42
CA THR A 438 2.56 32.10 11.46
C THR A 438 2.82 30.62 11.80
N TRP A 439 2.76 29.76 10.78
CA TRP A 439 2.81 28.31 11.01
C TRP A 439 4.07 27.85 11.72
N HIS A 440 5.23 28.33 11.26
CA HIS A 440 6.49 27.85 11.83
C HIS A 440 6.76 28.43 13.22
N THR A 441 6.35 29.68 13.44
CA THR A 441 6.42 30.26 14.79
C THR A 441 5.59 29.44 15.79
N GLU A 442 4.39 29.06 15.38
CA GLU A 442 3.53 28.24 16.24
C GLU A 442 4.21 26.91 16.61
N LEU A 443 4.88 26.31 15.64
CA LEU A 443 5.46 24.99 15.83
C LEU A 443 6.76 25.04 16.65
N THR A 444 7.45 26.18 16.67
CA THR A 444 8.74 26.25 17.38
C THR A 444 8.69 26.95 18.74
N LYS A 445 7.48 27.26 19.22
CA LYS A 445 7.32 27.85 20.56
C LYS A 445 8.04 27.06 21.67
N THR A 446 8.37 27.79 22.73
CA THR A 446 8.95 27.27 23.97
C THR A 446 10.35 26.66 23.76
N ILE B 3 -10.58 -29.36 -23.38
CA ILE B 3 -11.12 -27.96 -23.51
C ILE B 3 -10.50 -27.18 -24.65
N ASN B 4 -11.35 -26.70 -25.54
CA ASN B 4 -10.95 -25.77 -26.60
C ASN B 4 -11.23 -24.34 -26.14
N ILE B 5 -10.19 -23.56 -25.86
CA ILE B 5 -10.39 -22.22 -25.28
C ILE B 5 -10.82 -21.16 -26.30
N GLN B 6 -10.78 -21.50 -27.59
CA GLN B 6 -11.35 -20.64 -28.59
C GLN B 6 -12.89 -20.73 -28.53
N GLU B 7 -13.40 -21.91 -28.17
CA GLU B 7 -14.84 -22.11 -27.98
C GLU B 7 -15.31 -21.73 -26.56
N ASP B 8 -14.60 -22.23 -25.55
CA ASP B 8 -14.91 -21.93 -24.15
C ASP B 8 -14.21 -20.60 -23.83
N LYS B 9 -14.87 -19.52 -24.22
CA LYS B 9 -14.23 -18.21 -24.32
C LYS B 9 -13.72 -17.64 -22.99
N LEU B 10 -14.27 -18.12 -21.88
CA LEU B 10 -13.91 -17.60 -20.55
C LEU B 10 -12.72 -18.33 -19.92
N VAL B 11 -12.22 -19.39 -20.57
CA VAL B 11 -11.20 -20.25 -19.95
C VAL B 11 -9.79 -19.78 -20.34
N SER B 12 -8.92 -19.67 -19.35
CA SER B 12 -7.54 -19.28 -19.61
C SER B 12 -6.72 -20.48 -20.06
N ALA B 13 -5.68 -20.25 -20.86
CA ALA B 13 -4.78 -21.33 -21.28
C ALA B 13 -4.23 -22.08 -20.07
N HIS B 14 -3.84 -21.33 -19.04
CA HIS B 14 -3.30 -21.94 -17.82
C HIS B 14 -4.30 -22.91 -17.19
N ASP B 15 -5.53 -22.46 -17.00
CA ASP B 15 -6.56 -23.32 -16.42
C ASP B 15 -6.86 -24.57 -17.27
N ALA B 16 -6.88 -24.41 -18.59
CA ALA B 16 -7.10 -25.54 -19.51
C ALA B 16 -5.99 -26.59 -19.37
N GLU B 17 -4.76 -26.13 -19.22
CA GLU B 17 -3.59 -27.02 -19.06
C GLU B 17 -3.70 -27.81 -17.77
N GLU B 18 -4.11 -27.13 -16.69
CA GLU B 18 -4.27 -27.80 -15.40
C GLU B 18 -5.39 -28.83 -15.38
N ILE B 19 -6.50 -28.56 -16.06
CA ILE B 19 -7.58 -29.54 -16.21
C ILE B 19 -7.06 -30.85 -16.82
N LEU B 20 -6.34 -30.73 -17.94
CA LEU B 20 -5.86 -31.89 -18.71
C LEU B 20 -5.06 -32.84 -17.84
N ARG B 21 -4.38 -32.28 -16.87
CA ARG B 21 -3.52 -33.02 -16.00
C ARG B 21 -4.24 -34.11 -15.21
N PHE B 22 -5.47 -33.82 -14.81
CA PHE B 22 -6.18 -34.65 -13.86
C PHE B 22 -7.21 -35.49 -14.57
N PHE B 23 -7.53 -35.11 -15.78
CA PHE B 23 -8.48 -35.86 -16.55
C PHE B 23 -8.00 -37.17 -17.09
N ASN B 24 -6.73 -37.25 -17.46
CA ASN B 24 -6.03 -38.50 -17.76
C ASN B 24 -5.89 -39.51 -16.62
N CYS B 25 -4.71 -40.09 -16.40
CA CYS B 25 -4.59 -41.20 -15.46
C CYS B 25 -5.27 -40.78 -14.19
N HIS B 26 -6.36 -41.41 -13.84
CA HIS B 26 -6.83 -41.29 -12.50
C HIS B 26 -6.31 -42.47 -11.67
N ASP B 27 -5.65 -42.17 -10.57
CA ASP B 27 -5.16 -43.16 -9.63
C ASP B 27 -5.80 -42.91 -8.29
N SER B 28 -6.78 -43.72 -7.94
CA SER B 28 -7.53 -43.54 -6.71
C SER B 28 -6.64 -43.54 -5.44
N ALA B 29 -5.60 -44.36 -5.45
CA ALA B 29 -4.70 -44.48 -4.31
C ALA B 29 -3.93 -43.19 -4.11
N LEU B 30 -3.56 -42.56 -5.21
CA LEU B 30 -2.84 -41.31 -5.17
C LEU B 30 -3.72 -40.18 -4.62
N GLN B 31 -5.01 -40.23 -4.93
CA GLN B 31 -5.94 -39.21 -4.43
C GLN B 31 -6.03 -39.33 -2.91
N GLN B 32 -6.12 -40.58 -2.45
CA GLN B 32 -6.16 -40.86 -1.01
C GLN B 32 -4.89 -40.41 -0.27
N GLU B 33 -3.72 -40.75 -0.79
CA GLU B 33 -2.45 -40.26 -0.23
C GLU B 33 -2.43 -38.74 -0.16
N ALA B 34 -2.83 -38.09 -1.25
CA ALA B 34 -2.82 -36.62 -1.30
C ALA B 34 -3.75 -36.05 -0.24
N THR B 35 -4.91 -36.67 -0.05
CA THR B 35 -5.86 -36.20 0.96
C THR B 35 -5.24 -36.27 2.37
N THR B 36 -4.57 -37.38 2.65
CA THR B 36 -3.88 -37.55 3.93
C THR B 36 -2.83 -36.47 4.15
N LEU B 37 -2.03 -36.24 3.13
CA LEU B 37 -0.96 -35.31 3.15
C LEU B 37 -1.47 -33.91 3.50
N LEU B 38 -2.52 -33.52 2.82
CA LEU B 38 -3.09 -32.18 2.98
C LEU B 38 -3.82 -32.03 4.30
N THR B 39 -4.51 -33.09 4.73
CA THR B 39 -5.18 -33.08 6.03
C THR B 39 -4.17 -32.95 7.17
N GLN B 40 -3.07 -33.69 7.08
CA GLN B 40 -2.02 -33.58 8.09
C GLN B 40 -1.35 -32.19 8.09
N GLU B 41 -1.06 -31.68 6.90
CA GLU B 41 -0.54 -30.31 6.77
C GLU B 41 -1.45 -29.30 7.44
N ALA B 42 -2.75 -29.39 7.15
CA ALA B 42 -3.72 -28.44 7.68
C ALA B 42 -3.82 -28.54 9.20
N HIS B 43 -3.72 -29.78 9.72
CA HIS B 43 -3.77 -30.03 11.15
C HIS B 43 -2.59 -29.32 11.84
N LEU B 44 -1.38 -29.52 11.32
CA LEU B 44 -0.19 -28.87 11.86
C LEU B 44 -0.31 -27.34 11.85
N LEU B 45 -0.79 -26.79 10.75
CA LEU B 45 -1.01 -25.34 10.66
C LEU B 45 -2.08 -24.89 11.64
N ASP B 46 -3.17 -25.63 11.76
CA ASP B 46 -4.29 -25.21 12.61
C ASP B 46 -3.92 -25.13 14.07
N ILE B 47 -2.98 -25.99 14.51
CA ILE B 47 -2.52 -25.98 15.91
C ILE B 47 -1.30 -25.07 16.09
N GLN B 48 -0.91 -24.39 15.02
CA GLN B 48 0.19 -23.42 15.01
C GLN B 48 1.52 -24.07 15.28
N ALA B 49 1.67 -25.33 14.86
CA ALA B 49 2.96 -26.03 14.86
C ALA B 49 3.73 -25.68 13.59
N TYR B 50 4.10 -24.40 13.49
CA TYR B 50 4.76 -23.89 12.30
C TYR B 50 6.14 -24.50 12.08
N ARG B 51 6.90 -24.77 13.15
CA ARG B 51 8.20 -25.45 12.96
C ARG B 51 8.02 -26.85 12.44
N ALA B 52 7.04 -27.56 13.00
CA ALA B 52 6.72 -28.93 12.56
C ALA B 52 6.25 -28.92 11.10
N TRP B 53 5.50 -27.89 10.73
CA TRP B 53 5.05 -27.76 9.34
C TRP B 53 6.25 -27.65 8.39
N LEU B 54 7.19 -26.77 8.71
CA LEU B 54 8.40 -26.64 7.89
C LEU B 54 9.18 -27.95 7.80
N GLU B 55 9.35 -28.61 8.94
CA GLU B 55 10.13 -29.85 9.00
C GLU B 55 9.49 -31.00 8.24
N HIS B 56 8.17 -31.16 8.38
CA HIS B 56 7.49 -32.33 7.89
C HIS B 56 6.84 -32.12 6.52
N CYS B 57 6.46 -30.87 6.20
CA CYS B 57 5.65 -30.61 5.02
C CYS B 57 6.29 -29.80 3.91
N VAL B 58 7.37 -29.08 4.20
CA VAL B 58 7.90 -28.11 3.27
C VAL B 58 9.33 -28.44 2.79
N GLY B 59 9.48 -28.55 1.47
CA GLY B 59 10.77 -28.91 0.87
C GLY B 59 11.75 -27.76 0.85
N SER B 60 13.04 -28.09 0.87
CA SER B 60 14.06 -27.06 0.90
C SER B 60 14.00 -26.16 -0.34
N GLU B 61 13.56 -26.72 -1.47
CA GLU B 61 13.51 -25.97 -2.76
C GLU B 61 12.14 -25.29 -3.01
N VAL B 62 11.34 -25.15 -1.97
CA VAL B 62 9.98 -24.66 -2.13
C VAL B 62 9.91 -23.26 -2.74
N GLN B 63 8.88 -23.05 -3.56
CA GLN B 63 8.35 -21.73 -3.87
C GLN B 63 6.91 -21.67 -3.39
N TYR B 64 6.63 -20.73 -2.48
CA TYR B 64 5.32 -20.60 -1.87
C TYR B 64 4.77 -19.26 -2.30
N GLN B 65 3.78 -19.28 -3.19
CA GLN B 65 3.39 -18.09 -3.91
C GLN B 65 1.88 -17.89 -3.90
N VAL B 66 1.47 -16.68 -3.53
CA VAL B 66 0.09 -16.24 -3.59
C VAL B 66 0.08 -14.91 -4.33
N ILE B 67 -0.64 -14.83 -5.44
CA ILE B 67 -0.69 -13.60 -6.21
C ILE B 67 -2.02 -12.89 -6.08
N SER B 68 -1.99 -11.60 -6.34
CA SER B 68 -3.19 -10.80 -6.54
C SER B 68 -3.08 -10.14 -7.90
N ARG B 69 -4.06 -10.47 -8.75
CA ARG B 69 -4.07 -10.06 -10.14
C ARG B 69 -4.92 -8.80 -10.33
N GLU B 70 -4.37 -7.81 -11.03
CA GLU B 70 -5.10 -6.58 -11.32
C GLU B 70 -6.34 -6.87 -12.19
N LEU B 71 -7.43 -6.17 -11.90
CA LEU B 71 -8.67 -6.31 -12.67
C LEU B 71 -8.50 -5.59 -14.01
N ARG B 72 -8.58 -6.36 -15.09
CA ARG B 72 -8.41 -5.86 -16.45
C ARG B 72 -9.62 -6.22 -17.28
N ALA B 73 -9.79 -5.54 -18.41
CA ALA B 73 -10.92 -5.81 -19.28
C ALA B 73 -10.80 -7.18 -19.92
N ALA B 74 -11.90 -7.90 -20.03
CA ALA B 74 -11.84 -9.23 -20.63
C ALA B 74 -11.36 -9.14 -22.08
N SER B 75 -11.64 -8.01 -22.73
CA SER B 75 -11.21 -7.78 -24.13
C SER B 75 -9.82 -7.15 -24.24
N GLU B 76 -9.17 -6.84 -23.11
CA GLU B 76 -7.91 -6.11 -23.13
C GLU B 76 -6.84 -6.86 -23.89
N ARG B 77 -6.15 -6.17 -24.78
CA ARG B 77 -5.09 -6.78 -25.57
C ARG B 77 -3.89 -5.87 -25.82
N ARG B 78 -3.91 -4.63 -25.32
CA ARG B 78 -2.80 -3.70 -25.54
C ARG B 78 -1.99 -3.42 -24.29
N TYR B 79 -2.65 -3.22 -23.16
CA TYR B 79 -1.97 -2.91 -21.90
C TYR B 79 -1.22 -4.13 -21.38
N LYS B 80 0.08 -3.99 -21.20
CA LYS B 80 1.02 -5.07 -21.09
C LYS B 80 1.81 -5.16 -19.77
N LEU B 81 1.57 -4.25 -18.86
CA LEU B 81 2.40 -4.14 -17.68
C LEU B 81 2.07 -5.21 -16.66
N ASN B 82 2.98 -5.43 -15.73
CA ASN B 82 2.84 -6.45 -14.70
C ASN B 82 1.37 -6.70 -14.34
N GLU B 83 0.93 -7.92 -14.57
CA GLU B 83 -0.44 -8.31 -14.32
C GLU B 83 -0.76 -8.56 -12.87
N ALA B 84 0.24 -8.96 -12.09
CA ALA B 84 0.00 -9.41 -10.74
C ALA B 84 1.10 -8.92 -9.81
N MET B 85 0.79 -8.87 -8.53
CA MET B 85 1.79 -8.72 -7.49
C MET B 85 1.79 -9.98 -6.61
N ASN B 86 2.89 -10.17 -5.88
CA ASN B 86 3.08 -11.31 -4.98
C ASN B 86 2.77 -10.93 -3.54
N VAL B 87 1.62 -11.40 -3.04
CA VAL B 87 1.31 -11.36 -1.63
C VAL B 87 2.32 -12.22 -0.86
N TYR B 88 2.58 -13.41 -1.38
CA TYR B 88 3.68 -14.27 -0.94
C TYR B 88 4.44 -14.72 -2.18
N ASN B 89 5.76 -14.78 -2.08
CA ASN B 89 6.58 -15.49 -3.06
C ASN B 89 7.87 -15.89 -2.35
N GLU B 90 7.75 -16.94 -1.54
CA GLU B 90 8.74 -17.26 -0.52
C GLU B 90 9.54 -18.49 -0.87
N ASN B 91 10.84 -18.40 -0.63
CA ASN B 91 11.68 -19.59 -0.56
C ASN B 91 11.66 -20.11 0.90
N PHE B 92 12.33 -21.23 1.16
CA PHE B 92 12.35 -21.83 2.48
C PHE B 92 12.85 -20.87 3.58
N GLN B 93 13.92 -20.11 3.29
CA GLN B 93 14.45 -19.19 4.27
C GLN B 93 13.46 -18.08 4.61
N GLN B 94 12.72 -17.63 3.60
CA GLN B 94 11.70 -16.59 3.80
C GLN B 94 10.49 -17.12 4.58
N LEU B 95 10.06 -18.34 4.31
CA LEU B 95 9.06 -19.00 5.17
C LEU B 95 9.58 -19.11 6.60
N LYS B 96 10.85 -19.47 6.76
CA LYS B 96 11.40 -19.60 8.11
C LYS B 96 11.36 -18.25 8.86
N VAL B 97 11.69 -17.15 8.18
CA VAL B 97 11.58 -15.81 8.75
C VAL B 97 10.14 -15.59 9.25
N ARG B 98 9.14 -15.91 8.40
CA ARG B 98 7.74 -15.72 8.79
C ARG B 98 7.38 -16.59 9.99
N VAL B 99 7.93 -17.80 10.05
CA VAL B 99 7.65 -18.69 11.16
C VAL B 99 8.25 -18.12 12.44
N GLU B 100 9.49 -17.63 12.38
CA GLU B 100 10.13 -17.04 13.55
C GLU B 100 9.35 -15.83 14.03
N HIS B 101 8.83 -15.04 13.09
CA HIS B 101 8.00 -13.89 13.42
C HIS B 101 6.73 -14.32 14.17
N GLN B 102 6.12 -15.43 13.75
CA GLN B 102 4.96 -15.97 14.45
C GLN B 102 5.28 -16.41 15.88
N LEU B 103 6.44 -17.02 16.07
CA LEU B 103 6.80 -17.63 17.35
C LEU B 103 7.48 -16.68 18.33
N ASP B 104 7.83 -15.48 17.87
CA ASP B 104 8.56 -14.53 18.68
C ASP B 104 7.67 -14.09 19.85
N PRO B 105 8.19 -14.11 21.08
CA PRO B 105 7.37 -13.74 22.23
C PRO B 105 7.01 -12.25 22.31
N GLN B 106 7.59 -11.41 21.47
CA GLN B 106 7.18 -10.02 21.36
C GLN B 106 6.31 -9.75 20.13
N ASN B 107 5.79 -10.82 19.52
CA ASN B 107 4.70 -10.67 18.56
C ASN B 107 3.43 -10.40 19.36
N TRP B 108 3.15 -9.12 19.61
CA TRP B 108 2.07 -8.74 20.49
C TRP B 108 0.71 -9.18 19.94
N GLY B 109 0.58 -9.23 18.61
CA GLY B 109 -0.70 -9.59 17.99
C GLY B 109 -1.09 -11.04 18.22
N ASN B 110 -0.14 -11.84 18.66
CA ASN B 110 -0.41 -13.24 18.96
C ASN B 110 -0.82 -13.53 20.41
N SER B 111 -1.10 -12.48 21.19
CA SER B 111 -1.62 -12.66 22.54
C SER B 111 -2.85 -11.80 22.67
N PRO B 112 -4.00 -12.41 22.98
CA PRO B 112 -4.26 -13.84 23.27
C PRO B 112 -4.10 -14.67 21.99
N LYS B 113 -3.85 -15.96 22.16
CA LYS B 113 -3.56 -16.84 21.04
C LYS B 113 -4.66 -16.86 20.00
N LEU B 114 -4.27 -16.84 18.72
CA LEU B 114 -5.20 -16.95 17.61
C LEU B 114 -5.83 -18.34 17.55
N ARG B 115 -6.98 -18.44 16.88
CA ARG B 115 -7.60 -19.70 16.59
C ARG B 115 -7.80 -19.88 15.09
N PHE B 116 -7.26 -20.97 14.56
CA PHE B 116 -7.35 -21.30 13.15
C PHE B 116 -8.12 -22.61 12.96
N THR B 117 -9.00 -22.62 11.97
CA THR B 117 -9.65 -23.84 11.50
C THR B 117 -9.63 -23.85 9.96
N ARG B 118 -9.09 -24.92 9.39
CA ARG B 118 -8.96 -25.09 7.93
C ARG B 118 -9.83 -26.23 7.38
N PHE B 119 -10.43 -26.01 6.22
CA PHE B 119 -11.33 -26.96 5.60
C PHE B 119 -10.77 -27.19 4.20
N ILE B 120 -10.30 -28.40 3.96
CA ILE B 120 -9.63 -28.74 2.73
C ILE B 120 -10.56 -29.66 1.94
N THR B 121 -10.86 -29.31 0.68
CA THR B 121 -11.81 -30.07 -0.12
C THR B 121 -11.32 -30.18 -1.58
N ASN B 122 -12.06 -30.95 -2.38
CA ASN B 122 -11.81 -31.02 -3.82
C ASN B 122 -10.39 -31.45 -4.18
N VAL B 123 -9.86 -32.42 -3.42
CA VAL B 123 -8.49 -32.89 -3.66
C VAL B 123 -8.41 -33.68 -4.97
N GLN B 124 -7.46 -33.30 -5.84
CA GLN B 124 -7.09 -34.07 -7.01
C GLN B 124 -5.60 -34.24 -7.03
N ALA B 125 -5.14 -35.39 -7.54
CA ALA B 125 -3.73 -35.71 -7.56
C ALA B 125 -3.35 -36.42 -8.86
N ALA B 126 -2.21 -36.06 -9.44
CA ALA B 126 -1.68 -36.70 -10.64
C ALA B 126 -0.15 -36.63 -10.67
N MET B 127 0.50 -37.74 -11.00
CA MET B 127 1.95 -37.70 -11.16
C MET B 127 2.31 -36.88 -12.40
N ASP B 128 3.42 -36.17 -12.33
CA ASP B 128 3.95 -35.49 -13.49
C ASP B 128 4.32 -36.50 -14.58
N VAL B 129 4.09 -36.11 -15.83
CA VAL B 129 4.40 -36.92 -16.99
C VAL B 129 5.90 -37.17 -17.15
N ASN B 130 6.69 -36.11 -16.98
CA ASN B 130 8.12 -36.14 -17.28
C ASN B 130 8.98 -36.40 -16.05
N ASP B 131 8.54 -35.93 -14.89
CA ASP B 131 9.23 -36.19 -13.64
C ASP B 131 8.41 -37.15 -12.78
N LYS B 132 8.68 -38.45 -12.94
CA LYS B 132 7.91 -39.50 -12.25
C LYS B 132 7.90 -39.40 -10.73
N GLU B 133 8.74 -38.53 -10.19
CA GLU B 133 8.77 -38.32 -8.75
C GLU B 133 8.07 -37.01 -8.31
N LEU B 134 7.45 -36.32 -9.24
CA LEU B 134 6.77 -35.06 -8.93
C LEU B 134 5.27 -35.31 -8.90
N LEU B 135 4.63 -35.02 -7.77
CA LEU B 135 3.19 -35.19 -7.64
C LEU B 135 2.49 -33.82 -7.69
N HIS B 136 1.60 -33.65 -8.67
CA HIS B 136 0.72 -32.48 -8.72
C HIS B 136 -0.50 -32.74 -7.85
N ILE B 137 -0.80 -31.82 -6.95
CA ILE B 137 -2.00 -31.91 -6.11
C ILE B 137 -2.75 -30.60 -6.20
N ARG B 138 -4.05 -30.67 -6.48
CA ARG B 138 -4.90 -29.46 -6.42
C ARG B 138 -5.88 -29.64 -5.29
N SER B 139 -6.16 -28.57 -4.56
CA SER B 139 -7.14 -28.63 -3.50
C SER B 139 -7.65 -27.22 -3.23
N ASN B 140 -8.83 -27.12 -2.65
CA ASN B 140 -9.40 -25.83 -2.24
C ASN B 140 -9.42 -25.75 -0.73
N VAL B 141 -9.23 -24.54 -0.22
CA VAL B 141 -9.22 -24.32 1.23
C VAL B 141 -10.17 -23.19 1.63
N ILE B 142 -10.91 -23.43 2.71
CA ILE B 142 -11.54 -22.37 3.49
C ILE B 142 -10.74 -22.29 4.77
N LEU B 143 -10.33 -21.09 5.14
CA LEU B 143 -9.49 -20.89 6.31
C LEU B 143 -10.18 -19.85 7.18
N HIS B 144 -10.53 -20.26 8.39
CA HIS B 144 -11.21 -19.45 9.38
C HIS B 144 -10.21 -19.04 10.47
N ARG B 145 -10.04 -17.73 10.63
CA ARG B 145 -9.17 -17.19 11.67
C ARG B 145 -9.99 -16.35 12.65
N ALA B 146 -9.91 -16.66 13.94
CA ALA B 146 -10.63 -15.92 14.95
C ALA B 146 -9.71 -15.41 16.03
N ARG B 147 -9.92 -14.16 16.45
CA ARG B 147 -9.08 -13.60 17.47
C ARG B 147 -9.77 -12.44 18.18
N ARG B 148 -9.40 -12.25 19.43
CA ARG B 148 -9.75 -11.05 20.11
C ARG B 148 -11.23 -10.80 20.32
N GLY B 149 -11.91 -11.90 20.57
CA GLY B 149 -13.30 -11.87 21.00
C GLY B 149 -14.25 -11.86 19.83
N ASN B 150 -14.13 -10.86 18.96
CA ASN B 150 -15.09 -10.70 17.87
C ASN B 150 -14.50 -10.44 16.48
N GLN B 151 -13.21 -10.70 16.29
CA GLN B 151 -12.62 -10.62 14.95
C GLN B 151 -12.67 -12.00 14.31
N VAL B 152 -13.29 -12.06 13.13
CA VAL B 152 -13.40 -13.31 12.37
C VAL B 152 -13.12 -13.03 10.89
N ASP B 153 -12.16 -13.76 10.33
CA ASP B 153 -11.75 -13.59 8.95
C ASP B 153 -11.79 -14.94 8.27
N VAL B 154 -12.44 -15.01 7.11
CA VAL B 154 -12.54 -16.27 6.38
C VAL B 154 -11.98 -16.08 4.98
N PHE B 155 -11.05 -16.96 4.64
CA PHE B 155 -10.30 -16.94 3.39
C PHE B 155 -10.72 -18.15 2.55
N TYR B 156 -10.78 -17.94 1.22
CA TYR B 156 -11.24 -18.95 0.26
C TYR B 156 -10.26 -18.99 -0.89
N ALA B 157 -9.73 -20.16 -1.27
CA ALA B 157 -8.71 -20.20 -2.33
C ALA B 157 -8.57 -21.59 -2.91
N ALA B 158 -8.10 -21.65 -4.15
CA ALA B 158 -7.73 -22.91 -4.82
C ALA B 158 -6.20 -22.95 -4.81
N ARG B 159 -5.63 -24.11 -4.49
CA ARG B 159 -4.20 -24.26 -4.42
C ARG B 159 -3.67 -25.24 -5.46
N GLU B 160 -2.72 -24.77 -6.28
CA GLU B 160 -2.01 -25.64 -7.23
C GLU B 160 -0.65 -25.98 -6.66
N ASP B 161 -0.48 -27.23 -6.23
CA ASP B 161 0.72 -27.67 -5.53
C ASP B 161 1.50 -28.67 -6.37
N LYS B 162 2.81 -28.68 -6.13
CA LYS B 162 3.69 -29.78 -6.51
C LYS B 162 4.37 -30.29 -5.23
N TRP B 163 4.36 -31.61 -5.07
CA TRP B 163 4.93 -32.26 -3.91
C TRP B 163 5.95 -33.31 -4.40
N LYS B 164 7.01 -33.48 -3.66
CA LYS B 164 8.06 -34.44 -4.04
C LYS B 164 8.65 -35.11 -2.81
N ARG B 165 9.03 -36.38 -2.92
CA ARG B 165 9.66 -37.07 -1.78
C ARG B 165 11.01 -36.51 -1.45
N GLY B 166 11.20 -36.19 -0.18
CA GLY B 166 12.43 -35.56 0.30
C GLY B 166 13.13 -36.45 1.31
N GLU B 167 13.70 -35.83 2.34
CA GLU B 167 14.47 -36.58 3.33
C GLU B 167 13.58 -37.61 4.04
N GLY B 168 14.12 -38.82 4.21
CA GLY B 168 13.36 -39.93 4.78
C GLY B 168 12.25 -40.48 3.90
N GLY B 169 12.21 -40.08 2.63
CA GLY B 169 11.13 -40.45 1.73
C GLY B 169 9.79 -39.76 1.97
N VAL B 170 9.78 -38.72 2.83
CA VAL B 170 8.57 -37.97 3.16
C VAL B 170 8.26 -37.00 2.00
N ARG B 171 7.03 -37.06 1.47
CA ARG B 171 6.57 -36.12 0.43
C ARG B 171 6.46 -34.72 1.03
N LYS B 172 7.08 -33.75 0.38
CA LYS B 172 7.08 -32.39 0.86
C LYS B 172 6.70 -31.42 -0.25
N LEU B 173 6.14 -30.29 0.17
CA LEU B 173 5.71 -29.26 -0.75
C LEU B 173 6.90 -28.61 -1.41
N VAL B 174 6.92 -28.62 -2.75
CA VAL B 174 7.97 -27.91 -3.52
C VAL B 174 7.47 -26.68 -4.27
N GLN B 175 6.17 -26.60 -4.48
CA GLN B 175 5.57 -25.40 -5.00
C GLN B 175 4.13 -25.34 -4.57
N ARG B 176 3.71 -24.15 -4.11
CA ARG B 176 2.30 -23.86 -3.99
C ARG B 176 2.05 -22.57 -4.74
N PHE B 177 1.02 -22.58 -5.58
CA PHE B 177 0.58 -21.39 -6.28
C PHE B 177 -0.91 -21.17 -6.00
N VAL B 178 -1.22 -19.96 -5.52
CA VAL B 178 -2.60 -19.50 -5.31
C VAL B 178 -2.77 -18.16 -6.01
N ASP B 179 -3.82 -18.05 -6.81
CA ASP B 179 -4.23 -16.81 -7.43
C ASP B 179 -5.41 -16.36 -6.59
N TYR B 180 -5.20 -15.41 -5.67
CA TYR B 180 -6.21 -15.14 -4.62
C TYR B 180 -7.46 -14.54 -5.26
N PRO B 181 -8.65 -15.11 -5.00
CA PRO B 181 -9.81 -14.69 -5.82
C PRO B 181 -10.41 -13.32 -5.52
N GLU B 182 -10.18 -12.79 -4.32
CA GLU B 182 -10.70 -11.46 -3.94
C GLU B 182 -9.60 -10.42 -4.18
N ARG B 183 -9.88 -9.43 -5.01
CA ARG B 183 -8.89 -8.44 -5.35
C ARG B 183 -8.56 -7.51 -4.16
N ILE B 184 -9.60 -7.00 -3.49
CA ILE B 184 -9.41 -6.15 -2.31
C ILE B 184 -9.73 -7.03 -1.09
N LEU B 185 -8.72 -7.26 -0.25
CA LEU B 185 -8.93 -8.12 0.92
C LEU B 185 -9.82 -7.43 1.97
N GLN B 186 -10.75 -8.19 2.53
CA GLN B 186 -11.64 -7.66 3.54
C GLN B 186 -11.42 -8.42 4.84
N THR B 187 -10.19 -8.85 5.03
CA THR B 187 -9.78 -9.68 6.15
C THR B 187 -8.66 -9.05 7.04
N HIS B 188 -8.51 -7.73 6.96
CA HIS B 188 -7.47 -7.01 7.65
C HIS B 188 -6.08 -7.25 7.07
N ASN B 189 -5.78 -8.49 6.72
CA ASN B 189 -4.54 -8.82 6.06
C ASN B 189 -4.61 -10.23 5.49
N LEU B 190 -3.55 -10.71 4.85
CA LEU B 190 -3.50 -12.11 4.38
C LEU B 190 -2.38 -12.85 5.13
N MET B 191 -2.25 -12.56 6.41
CA MET B 191 -1.19 -13.13 7.25
C MET B 191 -1.53 -14.54 7.74
N VAL B 192 -1.91 -15.39 6.80
CA VAL B 192 -2.22 -16.79 7.07
C VAL B 192 -1.55 -17.60 5.99
N PHE B 193 -1.13 -18.81 6.34
CA PHE B 193 -0.59 -19.74 5.37
C PHE B 193 -1.75 -20.52 4.74
N LEU B 194 -2.07 -20.16 3.51
CA LEU B 194 -3.03 -20.88 2.72
C LEU B 194 -2.39 -22.16 2.24
#